data_1ARO
#
_entry.id   1ARO
#
_cell.length_a   273.385
_cell.length_b   95.612
_cell.length_c   63.582
_cell.angle_alpha   90.00
_cell.angle_beta   101.40
_cell.angle_gamma   90.00
#
_symmetry.space_group_name_H-M   'C 1 2 1'
#
loop_
_entity.id
_entity.type
_entity.pdbx_description
1 polymer 'T7 RNA POLYMERASE'
2 polymer 'T7 LYSOZYME'
3 non-polymer 'MERCURY (II) ION'
#
loop_
_entity_poly.entity_id
_entity_poly.type
_entity_poly.pdbx_seq_one_letter_code
_entity_poly.pdbx_strand_id
1 'polypeptide(L)'
;MNTINIAKNDFSDIELAAIPFNTLADHYGERLAREQLALEHESYEMGEARFRKMFERQLKAGEVADNAAAKPLITTLLPK
MIARINDWFEEVKAKRGKRPTAFQFLQEIKPEAVAYITIKTTLACLTSADNTTVQAVASAIGRAIEDEARFGRIRDLEAK
HFKKNVEEQLNKRVGHVYKKAFMQVVEADMLSKGLLGGEAWSSWHKEDSIHVGVRCIEMLIESTGMVSLHRQNAGVVGQD
SETIELAPEYAEAIATRAGALAGISPMFQPCVVPPKPWTGITGGGYWANGRRPLALVRTHSKKALMRYEDVYMPEVYKAI
NIAQNTAWKINKKVLAVANVITKWKHSPVEDIPAIEREELPMKPEDIDMNPEALTAWKRAAAAVYRKDKARKSRRISLEF
MLEQANKFANHKAIWFPYNMDWRGRVYAVSMFNPQGNDMTKGLLTLAKGKPIGKEGYYWLKIHGANCAGVDKVPFPERIK
FIEENHENIMACAKSPLENTWWAEQDSPFCFLAFCFEYAGVQHHGLSYNCSLPLAFDGSCSGIQHFSAMLRDEVGGRAVN
LLPSETVQDIYGIVAKKVNEILQADAINGTDNEVVTVTDENTGEISEKVKLGTKALAGQWLAYGVTRSVTKRSVMTLAYG
SKEFGFRQQVLEDTIQPAIDSGKGLMFTQPNQAAGYMAKLIWESVSVTVVAAVEAMNWLKSAAKLLAAEVKDKKTGEILR
KRSAVHWVTPDGFPVWQEYKKPIQTRLNLMFLGQFRLQPTINTNKDSEIDAHKQESGIAPNFVHSQDGSHLRKTVVWAHE
KYGIESFALIHDSFGTIPADAANLFKAVRETMVDTYESSDVLADFYDQFADQLHESQLDKMPALPAKGNLNLRDILESDF
AFA
;
P
2 'polypeptide(L)'
;MARVQFKQRESTDAIFVHCSATKPSQNVGVREIRQWHKEQGWLDVGYHFIIKRDGTVEAGRDEMAVGSHAKGYNHNSIGV
CLVGGIDDKGKFDANFTPAQMQSLRSLLVTLLAKYEGAVLRAHHEVAPKACPSFDLKRWWEKNELVTSDRG
;
L
#
# COMPACT_ATOMS: atom_id res chain seq x y z
N LYS A 8 -19.02 -4.33 -18.52
CA LYS A 8 -19.19 -3.20 -17.58
C LYS A 8 -20.66 -2.89 -17.40
N ASN A 9 -21.67 -3.51 -17.50
CA ASN A 9 -22.98 -3.88 -17.02
C ASN A 9 -23.44 -5.19 -17.65
N ASP A 10 -23.01 -5.81 -18.54
CA ASP A 10 -23.54 -6.70 -19.53
C ASP A 10 -24.75 -7.44 -19.02
N PHE A 11 -24.87 -7.90 -17.77
CA PHE A 11 -25.99 -8.71 -17.33
C PHE A 11 -26.84 -7.96 -16.31
N SER A 12 -28.08 -8.43 -16.25
CA SER A 12 -29.13 -7.82 -15.43
C SER A 12 -28.85 -7.74 -13.96
N ASP A 13 -29.65 -6.96 -13.23
CA ASP A 13 -29.44 -6.86 -11.78
C ASP A 13 -29.83 -8.14 -11.05
N ILE A 14 -30.00 -9.24 -11.80
CA ILE A 14 -30.30 -10.50 -11.16
C ILE A 14 -29.18 -11.50 -11.45
N GLU A 15 -28.85 -11.69 -12.73
CA GLU A 15 -27.75 -12.62 -13.02
C GLU A 15 -26.63 -12.16 -12.03
N LEU A 16 -26.45 -10.83 -11.93
CA LEU A 16 -25.42 -10.37 -11.02
C LEU A 16 -25.66 -10.88 -9.61
N ALA A 17 -26.87 -10.74 -9.09
CA ALA A 17 -27.15 -11.22 -7.73
C ALA A 17 -27.13 -12.74 -7.68
N ALA A 18 -26.81 -13.37 -8.81
CA ALA A 18 -26.75 -14.83 -8.91
C ALA A 18 -25.34 -15.40 -8.85
N ILE A 19 -24.57 -15.16 -9.91
CA ILE A 19 -23.21 -15.65 -10.05
C ILE A 19 -22.39 -15.80 -8.77
N PRO A 20 -22.19 -14.70 -8.01
CA PRO A 20 -21.41 -14.90 -6.79
C PRO A 20 -21.89 -16.13 -6.00
N PHE A 21 -23.15 -16.13 -5.59
CA PHE A 21 -23.67 -17.28 -4.84
C PHE A 21 -23.54 -18.61 -5.59
N ASN A 22 -23.95 -18.60 -6.85
CA ASN A 22 -23.91 -19.83 -7.63
C ASN A 22 -22.49 -20.33 -7.93
N THR A 23 -21.48 -19.51 -7.66
CA THR A 23 -20.13 -19.96 -7.91
C THR A 23 -19.59 -20.44 -6.59
N LEU A 24 -19.96 -19.74 -5.53
CA LEU A 24 -19.49 -20.13 -4.21
C LEU A 24 -20.13 -21.44 -3.82
N ALA A 25 -21.35 -21.68 -4.31
CA ALA A 25 -22.09 -22.91 -4.02
C ALA A 25 -21.46 -24.08 -4.79
N ASP A 26 -21.31 -23.91 -6.10
CA ASP A 26 -20.71 -24.93 -6.93
C ASP A 26 -19.30 -25.18 -6.40
N HIS A 27 -18.70 -24.16 -5.77
CA HIS A 27 -17.33 -24.32 -5.32
C HIS A 27 -17.02 -24.87 -3.95
N TYR A 28 -17.04 -24.04 -2.93
CA TYR A 28 -16.69 -24.49 -1.60
C TYR A 28 -17.83 -25.38 -1.01
N GLY A 29 -19.08 -25.16 -1.42
CA GLY A 29 -20.19 -25.93 -0.90
C GLY A 29 -21.27 -24.95 -0.49
N GLU A 30 -22.53 -25.39 -0.55
CA GLU A 30 -23.67 -24.54 -0.28
C GLU A 30 -23.98 -23.92 1.08
N ARG A 31 -23.54 -24.56 2.17
CA ARG A 31 -23.80 -23.97 3.48
C ARG A 31 -22.95 -22.71 3.59
N LEU A 32 -21.71 -22.83 3.12
CA LEU A 32 -20.71 -21.76 3.15
C LEU A 32 -20.93 -20.62 2.18
N ALA A 33 -21.47 -20.94 1.00
CA ALA A 33 -21.72 -19.92 0.01
C ALA A 33 -22.65 -18.86 0.62
N ARG A 34 -23.48 -19.31 1.54
CA ARG A 34 -24.43 -18.43 2.19
C ARG A 34 -23.82 -17.81 3.43
N GLU A 35 -22.77 -18.39 3.97
CA GLU A 35 -22.16 -17.82 5.18
C GLU A 35 -21.22 -16.69 4.83
N GLN A 36 -20.66 -16.74 3.63
CA GLN A 36 -19.75 -15.72 3.15
C GLN A 36 -20.49 -14.42 2.91
N LEU A 37 -21.43 -14.45 1.96
CA LEU A 37 -22.23 -13.29 1.60
C LEU A 37 -23.00 -12.72 2.80
N ALA A 38 -23.66 -13.60 3.54
CA ALA A 38 -24.41 -13.17 4.72
C ALA A 38 -23.52 -12.23 5.51
N LEU A 39 -22.31 -12.71 5.79
CA LEU A 39 -21.25 -12.03 6.53
C LEU A 39 -20.88 -10.72 5.84
N GLU A 40 -20.72 -10.76 4.53
CA GLU A 40 -20.36 -9.57 3.79
C GLU A 40 -21.41 -8.48 3.88
N HIS A 41 -22.68 -8.87 3.85
CA HIS A 41 -23.74 -7.88 3.95
C HIS A 41 -23.78 -7.24 5.32
N GLU A 42 -23.08 -7.83 6.29
CA GLU A 42 -23.08 -7.24 7.63
C GLU A 42 -22.43 -5.86 7.67
N SER A 43 -21.85 -5.44 6.56
CA SER A 43 -21.20 -4.14 6.51
C SER A 43 -22.21 -3.02 6.37
N TYR A 44 -23.33 -3.30 5.74
CA TYR A 44 -24.34 -2.29 5.51
C TYR A 44 -25.56 -2.36 6.42
N GLU A 45 -26.08 -3.56 6.64
CA GLU A 45 -27.24 -3.72 7.51
C GLU A 45 -27.08 -4.95 8.36
N MET A 46 -27.58 -4.92 9.59
CA MET A 46 -27.48 -6.12 10.41
C MET A 46 -28.44 -7.18 9.86
N GLY A 47 -29.71 -7.07 10.24
CA GLY A 47 -30.69 -8.02 9.77
C GLY A 47 -31.77 -8.24 10.81
N GLU A 48 -32.97 -8.59 10.38
CA GLU A 48 -34.06 -8.83 11.32
C GLU A 48 -33.88 -10.17 12.01
N ALA A 49 -33.23 -11.10 11.32
CA ALA A 49 -32.98 -12.44 11.87
C ALA A 49 -32.02 -12.31 13.04
N ARG A 50 -30.76 -12.08 12.69
CA ARG A 50 -29.68 -11.91 13.62
C ARG A 50 -30.08 -11.02 14.80
N PHE A 51 -30.95 -10.05 14.53
CA PHE A 51 -31.40 -9.11 15.55
C PHE A 51 -32.46 -9.67 16.51
N ARG A 52 -33.46 -10.36 15.97
CA ARG A 52 -34.52 -10.94 16.80
C ARG A 52 -33.95 -12.04 17.68
N LYS A 53 -33.16 -12.95 17.12
CA LYS A 53 -32.58 -14.01 17.93
C LYS A 53 -31.58 -13.51 18.94
N MET A 54 -31.27 -12.22 18.87
CA MET A 54 -30.31 -11.60 19.78
C MET A 54 -31.09 -10.82 20.84
N PHE A 55 -32.04 -10.02 20.37
CA PHE A 55 -32.89 -9.21 21.27
C PHE A 55 -33.66 -10.08 22.27
N GLU A 56 -34.47 -10.99 21.72
CA GLU A 56 -35.30 -11.92 22.49
C GLU A 56 -34.48 -12.79 23.44
N ARG A 57 -33.53 -13.50 22.86
CA ARG A 57 -32.66 -14.42 23.58
C ARG A 57 -32.12 -13.86 24.87
N GLN A 58 -32.17 -12.53 25.03
CA GLN A 58 -31.60 -11.99 26.13
C GLN A 58 -32.43 -11.10 26.76
N LEU A 59 -34.23 -11.95 26.96
CA LEU A 59 -35.32 -11.90 27.92
C LEU A 59 -35.29 -12.96 29.02
N LEU A 73 -25.99 -3.41 23.87
CA LEU A 73 -25.29 -2.17 23.62
C LEU A 73 -25.67 -1.82 22.19
N ILE A 74 -27.56 -4.18 21.88
CA ILE A 74 -26.59 -3.15 20.85
C ILE A 74 -27.80 -2.84 20.04
N THR A 75 -28.78 -3.34 20.84
CA THR A 75 -30.26 -3.52 20.91
C THR A 75 -30.73 -2.23 21.61
N THR A 76 -29.78 -1.34 21.91
CA THR A 76 -30.16 -0.06 22.57
C THR A 76 -30.02 1.09 21.56
N LEU A 77 -28.80 1.25 21.06
CA LEU A 77 -28.45 2.27 20.09
C LEU A 77 -29.14 2.09 18.76
N LEU A 78 -29.39 0.84 18.35
CA LEU A 78 -30.04 0.58 17.07
C LEU A 78 -31.51 0.95 17.01
N PRO A 79 -32.30 0.59 18.06
CA PRO A 79 -33.73 0.87 18.15
C PRO A 79 -33.98 2.36 18.21
N LYS A 80 -33.26 3.02 19.10
CA LYS A 80 -33.40 4.45 19.26
C LYS A 80 -32.99 5.23 18.00
N MET A 81 -31.98 4.73 17.28
CA MET A 81 -31.49 5.40 16.08
C MET A 81 -32.45 5.28 14.90
N ILE A 82 -32.96 4.09 14.67
CA ILE A 82 -33.87 3.90 13.55
C ILE A 82 -35.07 4.81 13.80
N ALA A 83 -35.33 5.09 15.07
CA ALA A 83 -36.42 5.97 15.44
C ALA A 83 -36.14 7.34 14.85
N ARG A 84 -35.26 8.09 15.49
CA ARG A 84 -34.90 9.43 15.02
C ARG A 84 -34.86 9.50 13.51
N ILE A 85 -34.23 8.51 12.88
CA ILE A 85 -34.13 8.53 11.43
C ILE A 85 -35.52 8.49 10.79
N ASN A 86 -36.52 8.03 11.53
CA ASN A 86 -37.88 7.98 11.00
C ASN A 86 -38.70 9.19 11.40
N ASP A 87 -38.51 9.66 12.63
CA ASP A 87 -39.20 10.85 13.10
C ASP A 87 -38.80 12.00 12.20
N TRP A 88 -37.49 12.21 12.10
CA TRP A 88 -36.92 13.27 11.28
C TRP A 88 -37.30 13.12 9.82
N PHE A 89 -37.35 11.88 9.34
CA PHE A 89 -37.69 11.60 7.95
C PHE A 89 -38.93 12.36 7.51
N GLU A 90 -39.99 12.29 8.30
CA GLU A 90 -41.21 12.98 7.93
C GLU A 90 -41.35 14.34 8.60
N GLU A 91 -40.58 14.58 9.66
CA GLU A 91 -40.61 15.88 10.33
C GLU A 91 -40.29 16.95 9.27
N VAL A 92 -39.25 16.68 8.49
CA VAL A 92 -38.85 17.57 7.42
C VAL A 92 -40.02 17.65 6.51
N LYS A 93 -40.47 16.46 6.08
CA LYS A 93 -41.55 16.35 5.13
C LYS A 93 -42.75 17.15 5.43
N ALA A 94 -42.76 17.90 6.53
CA ALA A 94 -43.93 18.70 6.86
C ALA A 94 -44.41 19.50 5.66
N LYS A 95 -43.80 19.24 4.50
CA LYS A 95 -44.15 19.90 3.23
C LYS A 95 -44.01 21.41 3.23
N ARG A 96 -43.03 21.91 3.99
CA ARG A 96 -42.77 23.34 4.05
C ARG A 96 -41.59 23.70 3.13
N GLY A 97 -41.49 24.97 2.77
CA GLY A 97 -40.49 25.42 1.82
C GLY A 97 -38.98 25.16 1.77
N LYS A 98 -38.42 24.37 2.66
CA LYS A 98 -36.97 24.17 2.62
C LYS A 98 -36.51 22.71 2.74
N ARG A 99 -35.69 22.23 1.79
CA ARG A 99 -35.19 20.85 1.88
C ARG A 99 -33.70 20.88 2.19
N PRO A 100 -33.30 20.17 3.26
CA PRO A 100 -31.90 20.11 3.69
C PRO A 100 -31.01 19.40 2.66
N THR A 101 -29.72 19.59 2.77
CA THR A 101 -28.78 19.02 1.82
C THR A 101 -28.57 17.52 1.90
N ALA A 102 -29.17 16.87 2.87
CA ALA A 102 -28.98 15.44 2.99
C ALA A 102 -30.25 14.62 2.84
N PHE A 103 -31.38 15.26 2.53
CA PHE A 103 -32.62 14.51 2.46
C PHE A 103 -32.78 13.57 1.30
N GLN A 104 -32.59 14.03 0.05
CA GLN A 104 -32.80 13.04 -1.00
C GLN A 104 -31.68 12.05 -0.88
N PHE A 105 -30.55 12.46 -0.29
CA PHE A 105 -29.45 11.53 -0.13
C PHE A 105 -29.79 10.39 0.83
N LEU A 106 -30.39 10.69 1.97
CA LEU A 106 -30.72 9.64 2.89
C LEU A 106 -31.92 8.83 2.47
N GLN A 107 -32.94 9.51 1.95
CA GLN A 107 -34.23 8.93 1.57
C GLN A 107 -34.42 7.56 0.93
N GLU A 108 -33.89 7.24 -0.25
CA GLU A 108 -34.19 5.87 -0.67
C GLU A 108 -33.26 4.80 -0.09
N ILE A 109 -32.56 5.20 0.95
CA ILE A 109 -31.73 4.29 1.69
C ILE A 109 -32.62 3.81 2.84
N LYS A 110 -32.64 2.50 3.09
CA LYS A 110 -33.45 2.01 4.20
C LYS A 110 -32.73 2.38 5.47
N PRO A 111 -33.39 3.14 6.33
CA PRO A 111 -32.76 3.56 7.58
C PRO A 111 -32.22 2.40 8.38
N GLU A 112 -32.74 1.19 8.09
CA GLU A 112 -32.31 -0.03 8.76
C GLU A 112 -30.80 -0.02 8.63
N ALA A 113 -30.35 0.36 7.46
CA ALA A 113 -28.92 0.46 7.17
C ALA A 113 -28.41 1.75 7.81
N VAL A 114 -28.97 2.86 7.38
CA VAL A 114 -28.56 4.16 7.89
C VAL A 114 -28.14 4.13 9.35
N ALA A 115 -29.08 3.80 10.24
CA ALA A 115 -28.77 3.77 11.68
C ALA A 115 -27.65 2.80 12.02
N TYR A 116 -27.52 1.74 11.22
CA TYR A 116 -26.48 0.78 11.49
C TYR A 116 -25.16 1.35 10.97
N ILE A 117 -25.09 1.60 9.67
CA ILE A 117 -23.88 2.13 9.08
C ILE A 117 -23.35 3.32 9.85
N THR A 118 -24.22 3.95 10.64
CA THR A 118 -23.80 5.12 11.38
C THR A 118 -23.20 4.75 12.73
N ILE A 119 -23.80 3.76 13.38
CA ILE A 119 -23.28 3.31 14.66
C ILE A 119 -21.97 2.54 14.43
N LYS A 120 -22.01 1.75 13.37
CA LYS A 120 -20.90 0.90 12.96
C LYS A 120 -19.63 1.70 12.57
N THR A 121 -19.82 2.80 11.83
CA THR A 121 -18.69 3.62 11.41
C THR A 121 -18.09 4.54 12.50
N THR A 122 -18.97 5.19 13.23
CA THR A 122 -18.58 6.08 14.29
C THR A 122 -17.70 5.40 15.35
N LEU A 123 -17.93 4.12 15.61
CA LEU A 123 -17.09 3.43 16.59
C LEU A 123 -15.76 3.07 15.92
N ALA A 124 -15.84 2.60 14.68
CA ALA A 124 -14.62 2.24 13.98
C ALA A 124 -13.72 3.46 14.03
N CYS A 125 -14.24 4.61 13.61
CA CYS A 125 -13.45 5.83 13.61
C CYS A 125 -12.89 6.26 14.97
N LEU A 126 -13.55 5.93 16.08
CA LEU A 126 -12.99 6.31 17.38
C LEU A 126 -11.79 5.43 17.76
N THR A 127 -11.46 4.51 16.87
CA THR A 127 -10.31 3.63 17.04
C THR A 127 -9.03 4.48 16.94
N SER A 128 -9.03 5.37 15.95
CA SER A 128 -7.92 6.27 15.66
C SER A 128 -7.61 7.24 16.77
N ALA A 129 -6.49 7.02 17.46
CA ALA A 129 -6.08 7.91 18.54
C ALA A 129 -5.37 9.08 17.84
N ASP A 130 -5.43 9.05 16.52
CA ASP A 130 -4.81 10.04 15.68
C ASP A 130 -5.75 11.17 15.28
N ASN A 131 -6.68 10.90 14.35
CA ASN A 131 -7.62 11.93 13.93
C ASN A 131 -9.06 11.50 14.07
N THR A 132 -9.85 12.36 14.69
CA THR A 132 -11.25 12.07 14.93
C THR A 132 -12.06 13.35 14.97
N THR A 133 -11.96 14.05 13.85
CA THR A 133 -12.61 15.31 13.64
C THR A 133 -13.97 15.14 13.00
N VAL A 134 -14.93 15.93 13.45
CA VAL A 134 -16.25 15.88 12.88
C VAL A 134 -16.06 15.66 11.38
N GLN A 135 -15.12 16.39 10.79
CA GLN A 135 -14.90 16.25 9.35
C GLN A 135 -14.53 14.83 8.93
N ALA A 136 -13.62 14.21 9.68
CA ALA A 136 -13.19 12.84 9.40
C ALA A 136 -14.36 11.89 9.65
N VAL A 137 -14.78 11.79 10.91
CA VAL A 137 -15.91 10.94 11.29
C VAL A 137 -17.08 11.12 10.30
N ALA A 138 -17.45 12.38 10.03
CA ALA A 138 -18.56 12.65 9.13
C ALA A 138 -18.34 12.13 7.72
N SER A 139 -17.14 12.37 7.20
CA SER A 139 -16.88 11.94 5.85
C SER A 139 -16.79 10.44 5.75
N ALA A 140 -16.32 9.81 6.83
CA ALA A 140 -16.20 8.35 6.91
C ALA A 140 -17.60 7.75 6.64
N ILE A 141 -18.54 8.03 7.54
CA ILE A 141 -19.93 7.58 7.42
C ILE A 141 -20.50 7.93 6.03
N GLY A 142 -20.10 9.11 5.53
CA GLY A 142 -20.56 9.59 4.24
C GLY A 142 -20.36 8.62 3.10
N ARG A 143 -19.11 8.21 2.92
CA ARG A 143 -18.71 7.27 1.89
C ARG A 143 -19.55 6.00 1.91
N ALA A 144 -19.81 5.48 3.11
CA ALA A 144 -20.59 4.24 3.28
C ALA A 144 -22.00 4.33 2.70
N ILE A 145 -22.78 5.25 3.26
CA ILE A 145 -24.17 5.50 2.84
C ILE A 145 -24.26 5.42 1.32
N GLU A 146 -23.26 5.96 0.65
CA GLU A 146 -23.23 5.93 -0.81
C GLU A 146 -23.03 4.49 -1.32
N ASP A 147 -22.09 3.74 -0.74
CA ASP A 147 -21.89 2.36 -1.22
C ASP A 147 -23.24 1.68 -1.18
N GLU A 148 -23.86 1.72 0.01
CA GLU A 148 -25.18 1.14 0.20
C GLU A 148 -26.06 1.70 -0.91
N ALA A 149 -26.14 3.02 -0.94
CA ALA A 149 -26.92 3.73 -1.94
C ALA A 149 -26.75 3.09 -3.32
N ARG A 150 -25.53 3.08 -3.83
CA ARG A 150 -25.33 2.47 -5.15
C ARG A 150 -25.41 0.95 -5.24
N PHE A 151 -25.29 0.25 -4.13
CA PHE A 151 -25.36 -1.20 -4.21
C PHE A 151 -26.48 -1.74 -3.32
N GLY A 152 -27.39 -0.86 -2.93
CA GLY A 152 -28.47 -1.30 -2.06
C GLY A 152 -29.45 -2.25 -2.71
N ARG A 153 -29.47 -2.31 -4.04
CA ARG A 153 -30.41 -3.19 -4.71
C ARG A 153 -29.80 -4.52 -5.05
N ILE A 154 -28.72 -4.53 -5.81
CA ILE A 154 -28.07 -5.81 -6.15
C ILE A 154 -27.90 -6.59 -4.86
N ARG A 155 -27.74 -5.86 -3.76
CA ARG A 155 -27.57 -6.47 -2.46
C ARG A 155 -28.88 -7.07 -2.00
N ASP A 156 -29.89 -6.22 -1.82
CA ASP A 156 -31.22 -6.66 -1.37
C ASP A 156 -31.70 -7.91 -2.11
N LEU A 157 -31.46 -7.94 -3.41
CA LEU A 157 -31.86 -9.08 -4.22
C LEU A 157 -30.98 -10.26 -3.85
N GLU A 158 -29.66 -10.12 -4.05
CA GLU A 158 -28.70 -11.18 -3.74
C GLU A 158 -29.02 -11.86 -2.41
N ALA A 159 -29.49 -11.06 -1.45
CA ALA A 159 -29.85 -11.61 -0.16
C ALA A 159 -30.95 -12.63 -0.40
N LYS A 160 -32.07 -12.20 -0.98
CA LYS A 160 -33.19 -13.09 -1.25
C LYS A 160 -32.72 -14.43 -1.76
N HIS A 161 -31.60 -14.49 -2.49
CA HIS A 161 -31.15 -15.80 -3.01
C HIS A 161 -31.40 -16.72 -1.80
N PHE A 162 -31.33 -16.10 -0.61
CA PHE A 162 -31.90 -16.67 0.59
C PHE A 162 -31.99 -15.88 1.85
N LYS A 163 -32.54 -16.59 2.81
CA LYS A 163 -32.85 -16.09 4.11
C LYS A 163 -31.61 -15.62 4.75
N LYS A 164 -31.80 -14.47 5.37
CA LYS A 164 -30.82 -13.76 6.13
C LYS A 164 -30.33 -14.70 7.22
N PHE A 182 -9.11 -28.43 4.03
CA PHE A 182 -9.04 -26.97 3.72
C PHE A 182 -9.21 -26.70 2.26
N MET A 183 -10.41 -26.26 1.91
CA MET A 183 -10.64 -26.03 0.52
C MET A 183 -9.89 -24.83 0.01
N GLN A 184 -9.32 -25.03 -1.17
CA GLN A 184 -8.53 -24.05 -1.90
C GLN A 184 -9.49 -23.65 -3.00
N VAL A 185 -10.17 -22.52 -2.84
CA VAL A 185 -11.17 -22.09 -3.81
C VAL A 185 -10.60 -21.10 -4.81
N VAL A 186 -9.29 -21.01 -4.93
CA VAL A 186 -8.81 -20.05 -5.90
C VAL A 186 -8.92 -20.60 -7.33
N GLU A 187 -9.34 -19.75 -8.26
CA GLU A 187 -9.46 -20.17 -9.65
C GLU A 187 -8.78 -19.04 -10.44
N ALA A 188 -8.33 -19.27 -11.66
CA ALA A 188 -7.64 -18.21 -12.41
C ALA A 188 -8.35 -17.74 -13.67
N ASP A 189 -9.43 -18.42 -14.04
CA ASP A 189 -10.23 -18.06 -15.21
C ASP A 189 -11.66 -18.38 -14.93
N MET A 190 -11.85 -19.39 -14.08
CA MET A 190 -13.20 -19.84 -13.89
C MET A 190 -14.20 -18.90 -13.28
N LEU A 191 -13.79 -17.66 -13.04
CA LEU A 191 -14.73 -16.71 -12.50
C LEU A 191 -15.71 -16.34 -13.62
N SER A 192 -17.01 -16.43 -13.34
CA SER A 192 -17.99 -16.00 -14.33
C SER A 192 -17.70 -14.52 -14.65
N LYS A 193 -17.89 -14.13 -15.90
CA LYS A 193 -17.60 -12.77 -16.26
C LYS A 193 -18.55 -11.73 -15.69
N GLY A 194 -19.15 -12.04 -14.54
CA GLY A 194 -20.06 -11.10 -13.89
C GLY A 194 -19.60 -10.98 -12.46
N LEU A 195 -18.33 -11.30 -12.25
CA LEU A 195 -17.71 -11.23 -10.93
C LEU A 195 -16.53 -10.28 -11.06
N LEU A 196 -16.39 -9.69 -12.24
CA LEU A 196 -15.26 -8.82 -12.51
C LEU A 196 -15.34 -7.32 -12.13
N GLY A 197 -15.11 -7.05 -10.84
CA GLY A 197 -15.11 -5.73 -10.24
C GLY A 197 -15.47 -4.48 -11.01
N GLY A 198 -16.36 -3.68 -10.45
CA GLY A 198 -16.78 -2.46 -11.12
C GLY A 198 -16.10 -1.22 -10.61
N GLU A 199 -16.87 -0.16 -10.36
CA GLU A 199 -16.34 1.12 -9.92
C GLU A 199 -16.01 1.16 -8.42
N ALA A 200 -14.73 1.29 -8.11
CA ALA A 200 -14.33 1.33 -6.74
C ALA A 200 -14.49 2.73 -6.16
N TRP A 201 -14.33 3.77 -6.98
CA TRP A 201 -14.45 5.12 -6.46
C TRP A 201 -15.81 5.76 -6.36
N SER A 202 -15.99 6.49 -5.27
CA SER A 202 -17.24 7.18 -4.99
C SER A 202 -17.40 8.37 -5.93
N SER A 203 -18.66 8.73 -6.17
CA SER A 203 -18.97 9.83 -7.06
C SER A 203 -19.36 11.14 -6.36
N TRP A 204 -20.09 11.03 -5.26
CA TRP A 204 -20.51 12.21 -4.52
C TRP A 204 -19.42 13.29 -4.35
N HIS A 205 -19.87 14.53 -4.14
CA HIS A 205 -18.96 15.64 -3.92
C HIS A 205 -18.48 15.55 -2.48
N LYS A 206 -17.25 15.92 -2.22
CA LYS A 206 -16.77 15.83 -0.86
C LYS A 206 -17.66 16.63 0.12
N GLU A 207 -18.02 17.85 -0.23
CA GLU A 207 -18.85 18.65 0.67
C GLU A 207 -20.05 17.82 1.07
N ASP A 208 -20.90 17.50 0.08
CA ASP A 208 -22.11 16.71 0.27
C ASP A 208 -21.90 15.54 1.22
N SER A 209 -20.95 14.68 0.89
CA SER A 209 -20.61 13.54 1.71
C SER A 209 -20.51 14.02 3.16
N ILE A 210 -19.96 15.21 3.38
CA ILE A 210 -19.84 15.71 4.74
C ILE A 210 -21.17 16.05 5.41
N HIS A 211 -22.11 16.65 4.67
CA HIS A 211 -23.40 17.01 5.27
C HIS A 211 -24.16 15.76 5.66
N VAL A 212 -24.18 14.79 4.74
CA VAL A 212 -24.89 13.55 5.00
C VAL A 212 -24.37 12.92 6.27
N GLY A 213 -23.05 12.87 6.39
CA GLY A 213 -22.43 12.31 7.57
C GLY A 213 -22.75 13.09 8.83
N VAL A 214 -22.68 14.42 8.72
CA VAL A 214 -22.96 15.26 9.89
C VAL A 214 -24.39 15.10 10.40
N ARG A 215 -25.37 14.89 9.51
CA ARG A 215 -26.74 14.70 9.98
C ARG A 215 -26.84 13.35 10.68
N CYS A 216 -26.26 12.29 10.10
CA CYS A 216 -26.31 11.00 10.79
C CYS A 216 -25.62 11.23 12.13
N ILE A 217 -24.45 11.85 12.13
CA ILE A 217 -23.77 12.07 13.41
C ILE A 217 -24.67 12.77 14.43
N GLU A 218 -25.44 13.75 13.98
CA GLU A 218 -26.35 14.51 14.84
C GLU A 218 -27.46 13.62 15.38
N MET A 219 -28.18 12.97 14.46
CA MET A 219 -29.26 12.09 14.86
C MET A 219 -28.78 11.01 15.82
N LEU A 220 -27.48 10.70 15.76
CA LEU A 220 -26.90 9.70 16.68
C LEU A 220 -26.88 10.24 18.11
N ILE A 221 -26.39 11.47 18.27
CA ILE A 221 -26.31 12.11 19.57
C ILE A 221 -27.67 12.32 20.22
N GLU A 222 -28.68 12.67 19.44
CA GLU A 222 -30.00 12.92 20.00
C GLU A 222 -30.82 11.70 20.42
N SER A 223 -30.77 10.63 19.64
CA SER A 223 -31.52 9.41 19.98
C SER A 223 -30.78 8.55 21.01
N THR A 224 -29.45 8.64 21.00
CA THR A 224 -28.61 7.88 21.92
C THR A 224 -27.43 8.78 22.24
N GLY A 225 -27.31 9.24 23.48
CA GLY A 225 -26.19 10.11 23.81
C GLY A 225 -24.81 9.46 23.75
N MET A 226 -24.57 8.61 22.73
CA MET A 226 -23.32 7.87 22.58
C MET A 226 -22.03 8.72 22.52
N VAL A 227 -21.95 9.65 21.58
CA VAL A 227 -20.78 10.51 21.47
C VAL A 227 -21.15 11.95 21.72
N SER A 228 -20.14 12.81 21.83
CA SER A 228 -20.38 14.23 22.06
C SER A 228 -19.22 15.06 21.52
N LEU A 229 -19.51 16.29 21.10
CA LEU A 229 -18.49 17.16 20.53
C LEU A 229 -17.61 17.80 21.60
N HIS A 230 -16.30 17.83 21.34
CA HIS A 230 -15.35 18.42 22.29
C HIS A 230 -14.57 19.60 21.77
N ARG A 231 -14.50 20.65 22.60
CA ARG A 231 -13.76 21.84 22.23
C ARG A 231 -14.50 22.58 21.11
N GLN A 232 -15.83 22.55 21.17
CA GLN A 232 -16.71 23.20 20.19
C GLN A 232 -16.38 24.68 20.01
N ASN A 233 -16.67 25.15 18.80
CA ASN A 233 -16.49 26.55 18.45
C ASN A 233 -17.34 26.91 17.25
N SER A 241 -14.62 20.08 16.51
CA SER A 241 -13.31 19.40 16.27
C SER A 241 -13.35 17.90 16.60
N GLU A 242 -12.90 17.54 17.81
CA GLU A 242 -12.86 16.14 18.25
C GLU A 242 -14.22 15.49 18.56
N THR A 243 -14.67 14.57 17.73
CA THR A 243 -15.95 13.89 17.97
C THR A 243 -15.65 12.59 18.74
N ILE A 244 -14.36 12.35 19.05
CA ILE A 244 -13.92 11.08 19.67
C ILE A 244 -14.26 10.73 21.05
N GLU A 245 -14.86 11.64 21.75
CA GLU A 245 -15.15 11.27 23.09
C GLU A 245 -16.44 10.47 23.08
N LEU A 246 -16.53 9.51 23.98
CA LEU A 246 -17.73 8.70 24.11
C LEU A 246 -18.21 9.10 25.49
N ALA A 247 -19.47 9.47 25.61
CA ALA A 247 -19.99 9.89 26.90
C ALA A 247 -19.41 8.98 27.97
N PRO A 248 -19.22 9.49 29.19
CA PRO A 248 -18.66 8.71 30.29
C PRO A 248 -19.47 7.44 30.55
N GLU A 249 -20.65 7.36 29.94
CA GLU A 249 -21.51 6.20 30.10
C GLU A 249 -21.08 5.04 29.19
N TYR A 250 -21.25 5.19 27.88
CA TYR A 250 -20.84 4.13 26.98
C TYR A 250 -19.34 3.85 27.12
N ALA A 251 -18.59 4.86 27.59
CA ALA A 251 -17.15 4.71 27.78
C ALA A 251 -16.92 3.49 28.66
N GLU A 252 -17.22 3.66 29.95
CA GLU A 252 -17.05 2.59 30.91
C GLU A 252 -17.72 1.30 30.42
N ALA A 253 -18.80 1.46 29.67
CA ALA A 253 -19.50 0.30 29.15
C ALA A 253 -18.50 -0.60 28.43
N ILE A 254 -18.14 -0.20 27.21
CA ILE A 254 -17.23 -0.98 26.41
C ILE A 254 -16.01 -1.57 27.10
N ALA A 255 -15.36 -0.80 27.96
CA ALA A 255 -14.15 -1.27 28.63
C ALA A 255 -14.44 -2.28 29.74
N THR A 256 -15.20 -1.81 30.71
CA THR A 256 -15.61 -2.50 31.92
C THR A 256 -16.25 -3.86 31.90
N ARG A 257 -17.42 -3.93 31.21
CA ARG A 257 -18.27 -5.10 31.17
C ARG A 257 -18.15 -6.17 30.08
N ALA A 258 -19.06 -7.13 30.13
CA ALA A 258 -19.02 -8.33 29.33
C ALA A 258 -19.44 -8.14 27.84
N GLY A 259 -18.49 -8.01 26.97
CA GLY A 259 -18.55 -8.08 25.54
C GLY A 259 -19.79 -7.39 24.89
N ALA A 260 -19.99 -6.11 25.00
CA ALA A 260 -21.05 -5.24 24.40
C ALA A 260 -21.07 -5.08 22.90
N LEU A 261 -19.91 -5.06 22.32
CA LEU A 261 -19.74 -4.89 20.91
C LEU A 261 -20.25 -6.06 20.07
N ALA A 262 -21.05 -6.90 20.72
CA ALA A 262 -21.66 -8.12 20.16
C ALA A 262 -22.08 -8.05 18.71
N GLY A 263 -23.04 -7.18 18.41
CA GLY A 263 -23.49 -7.09 17.04
C GLY A 263 -22.85 -5.97 16.24
N ILE A 264 -21.75 -5.41 16.73
CA ILE A 264 -21.10 -4.32 16.04
C ILE A 264 -19.72 -4.68 15.52
N SER A 265 -19.64 -5.27 14.34
CA SER A 265 -18.35 -5.66 13.81
C SER A 265 -17.76 -4.68 12.82
N PRO A 266 -16.45 -4.80 12.56
CA PRO A 266 -15.75 -3.93 11.62
C PRO A 266 -16.35 -3.98 10.23
N MET A 267 -16.21 -2.88 9.49
CA MET A 267 -16.73 -2.78 8.13
C MET A 267 -16.11 -3.80 7.21
N PHE A 268 -14.90 -4.23 7.54
CA PHE A 268 -14.14 -5.21 6.77
C PHE A 268 -13.77 -6.41 7.64
N GLN A 269 -14.21 -7.61 7.25
CA GLN A 269 -13.94 -8.82 8.03
C GLN A 269 -13.24 -9.92 7.21
N PRO A 270 -12.73 -10.96 7.89
CA PRO A 270 -12.04 -12.12 7.32
C PRO A 270 -13.03 -12.96 6.58
N CYS A 271 -12.56 -13.71 5.60
CA CYS A 271 -13.47 -14.58 4.86
C CYS A 271 -13.58 -15.98 5.49
N VAL A 272 -14.63 -16.71 5.14
CA VAL A 272 -14.78 -18.06 5.64
C VAL A 272 -14.65 -19.04 4.47
N VAL A 273 -14.19 -18.53 3.33
CA VAL A 273 -13.93 -19.34 2.15
C VAL A 273 -12.84 -18.59 1.39
N PRO A 274 -11.98 -19.30 0.65
CA PRO A 274 -10.89 -18.62 -0.07
C PRO A 274 -11.35 -17.32 -0.73
N PRO A 275 -10.50 -16.27 -0.67
CA PRO A 275 -10.86 -15.00 -1.27
C PRO A 275 -11.02 -15.22 -2.75
N LYS A 276 -11.08 -14.15 -3.53
CA LYS A 276 -11.22 -14.32 -4.95
C LYS A 276 -9.91 -13.89 -5.59
N PRO A 277 -9.40 -14.66 -6.55
CA PRO A 277 -8.14 -14.22 -7.15
C PRO A 277 -8.29 -12.90 -7.89
N TRP A 278 -7.34 -11.98 -7.76
CA TRP A 278 -7.45 -10.74 -8.50
C TRP A 278 -7.09 -10.97 -9.98
N THR A 279 -7.56 -10.05 -10.81
CA THR A 279 -7.35 -9.97 -12.25
C THR A 279 -7.89 -8.59 -12.45
N GLY A 280 -7.45 -7.87 -13.47
CA GLY A 280 -8.00 -6.52 -13.58
C GLY A 280 -7.63 -5.69 -12.34
N ILE A 281 -8.25 -4.52 -12.17
CA ILE A 281 -7.89 -3.67 -11.04
C ILE A 281 -8.92 -3.41 -9.93
N THR A 282 -10.11 -3.98 -10.01
CA THR A 282 -11.12 -3.79 -8.98
C THR A 282 -11.89 -5.07 -8.75
N GLY A 283 -12.54 -5.19 -7.61
CA GLY A 283 -13.30 -6.39 -7.33
C GLY A 283 -12.48 -7.67 -7.26
N GLY A 284 -11.94 -7.90 -6.06
CA GLY A 284 -11.12 -9.06 -5.79
C GLY A 284 -11.28 -9.35 -4.31
N GLY A 285 -10.68 -10.43 -3.82
CA GLY A 285 -10.80 -10.77 -2.42
C GLY A 285 -12.19 -11.17 -2.02
N TYR A 286 -13.13 -10.23 -2.09
CA TYR A 286 -14.51 -10.53 -1.70
C TYR A 286 -15.39 -11.07 -2.82
N TRP A 287 -16.57 -11.59 -2.47
CA TRP A 287 -17.48 -12.15 -3.48
C TRP A 287 -18.76 -11.37 -3.72
N ALA A 288 -19.44 -10.99 -2.65
CA ALA A 288 -20.71 -10.26 -2.76
C ALA A 288 -20.80 -9.20 -3.86
N ASN A 289 -21.69 -9.43 -4.82
CA ASN A 289 -21.89 -8.50 -5.91
C ASN A 289 -22.69 -7.32 -5.41
N GLY A 290 -23.37 -7.51 -4.29
CA GLY A 290 -24.15 -6.43 -3.73
C GLY A 290 -23.32 -5.60 -2.76
N ARG A 291 -22.20 -5.08 -3.24
CA ARG A 291 -21.31 -4.27 -2.40
C ARG A 291 -20.34 -3.45 -3.24
N ARG A 292 -19.57 -2.62 -2.56
CA ARG A 292 -18.57 -1.80 -3.21
C ARG A 292 -17.23 -2.56 -3.35
N PRO A 293 -16.79 -2.72 -4.60
CA PRO A 293 -15.55 -3.41 -4.96
C PRO A 293 -14.33 -2.82 -4.28
N LEU A 294 -13.27 -3.62 -4.21
CA LEU A 294 -12.02 -3.16 -3.64
C LEU A 294 -11.16 -2.76 -4.84
N ALA A 295 -10.06 -2.07 -4.57
CA ALA A 295 -9.14 -1.59 -5.60
C ALA A 295 -7.77 -2.28 -5.44
N LEU A 296 -7.13 -2.67 -6.54
CA LEU A 296 -5.85 -3.36 -6.41
C LEU A 296 -4.91 -2.50 -5.58
N VAL A 297 -4.74 -1.26 -6.02
CA VAL A 297 -3.86 -0.29 -5.37
C VAL A 297 -4.68 0.76 -4.63
N ARG A 298 -4.28 1.13 -3.42
CA ARG A 298 -4.99 2.17 -2.66
C ARG A 298 -4.43 3.47 -3.19
N THR A 299 -5.22 4.18 -4.00
CA THR A 299 -4.79 5.46 -4.59
C THR A 299 -5.43 6.68 -3.95
N HIS A 300 -5.12 7.85 -4.48
CA HIS A 300 -5.65 9.10 -3.94
C HIS A 300 -6.73 9.70 -4.82
N SER A 301 -7.19 8.92 -5.80
CA SER A 301 -8.26 9.34 -6.71
C SER A 301 -8.50 8.27 -7.78
N LYS A 302 -9.73 8.18 -8.29
CA LYS A 302 -10.01 7.21 -9.36
C LYS A 302 -9.09 7.40 -10.58
N LYS A 303 -8.61 8.62 -10.77
CA LYS A 303 -7.75 8.88 -11.92
C LYS A 303 -6.44 8.12 -11.78
N ALA A 304 -5.86 8.19 -10.58
CA ALA A 304 -4.61 7.51 -10.32
C ALA A 304 -4.83 6.01 -10.42
N LEU A 305 -5.92 5.55 -9.85
CA LEU A 305 -6.20 4.14 -9.88
C LEU A 305 -6.38 3.70 -11.31
N MET A 306 -6.94 4.58 -12.12
CA MET A 306 -7.21 4.17 -13.48
C MET A 306 -6.03 3.96 -14.40
N ARG A 307 -4.83 4.39 -14.03
CA ARG A 307 -3.70 4.22 -14.92
C ARG A 307 -3.04 2.83 -14.85
N TYR A 308 -3.57 1.92 -14.04
CA TYR A 308 -3.02 0.58 -13.99
C TYR A 308 -3.72 -0.32 -14.99
N GLU A 309 -5.00 -0.03 -15.21
CA GLU A 309 -5.87 -0.76 -16.10
C GLU A 309 -5.24 -1.43 -17.31
N ASP A 310 -4.56 -0.67 -18.16
CA ASP A 310 -3.92 -1.19 -19.37
C ASP A 310 -2.59 -1.94 -19.13
N VAL A 311 -2.06 -1.83 -17.91
CA VAL A 311 -0.76 -2.43 -17.51
C VAL A 311 -0.71 -3.95 -17.37
N TYR A 312 0.28 -4.56 -18.02
CA TYR A 312 0.45 -6.01 -17.99
C TYR A 312 1.51 -6.50 -17.02
N MET A 313 1.11 -7.12 -15.91
CA MET A 313 2.11 -7.61 -14.99
C MET A 313 1.67 -8.81 -14.14
N PRO A 314 1.94 -10.02 -14.66
CA PRO A 314 1.60 -11.30 -14.05
C PRO A 314 2.10 -11.53 -12.62
N GLU A 315 3.40 -11.37 -12.40
CA GLU A 315 3.99 -11.62 -11.08
C GLU A 315 3.34 -10.88 -9.93
N VAL A 316 2.73 -9.74 -10.22
CA VAL A 316 2.12 -8.94 -9.17
C VAL A 316 0.85 -9.63 -8.75
N TYR A 317 0.04 -10.06 -9.71
CA TYR A 317 -1.19 -10.74 -9.34
C TYR A 317 -0.90 -12.11 -8.78
N LYS A 318 0.16 -12.79 -9.27
CA LYS A 318 0.56 -14.09 -8.70
C LYS A 318 0.86 -13.86 -7.22
N ALA A 319 1.81 -12.97 -6.96
CA ALA A 319 2.19 -12.64 -5.58
C ALA A 319 0.96 -12.34 -4.70
N ILE A 320 0.24 -11.24 -5.01
CA ILE A 320 -0.93 -10.84 -4.23
C ILE A 320 -1.81 -12.02 -3.98
N ASN A 321 -2.18 -12.71 -5.06
CA ASN A 321 -3.04 -13.89 -4.91
C ASN A 321 -2.47 -15.04 -4.05
N ILE A 322 -1.19 -15.38 -4.18
CA ILE A 322 -0.61 -16.45 -3.36
C ILE A 322 -0.73 -15.99 -1.94
N ALA A 323 -0.36 -14.76 -1.66
CA ALA A 323 -0.44 -14.28 -0.28
C ALA A 323 -1.86 -14.31 0.27
N GLN A 324 -2.84 -14.30 -0.63
CA GLN A 324 -4.21 -14.26 -0.20
C GLN A 324 -4.79 -15.62 0.19
N ASN A 325 -4.31 -16.70 -0.44
CA ASN A 325 -4.82 -18.04 -0.13
C ASN A 325 -4.43 -18.64 1.21
N THR A 326 -3.36 -18.11 1.82
CA THR A 326 -2.89 -18.60 3.09
C THR A 326 -4.02 -18.82 4.09
N ALA A 327 -4.20 -20.06 4.54
CA ALA A 327 -5.26 -20.38 5.50
C ALA A 327 -4.88 -20.04 6.93
N TRP A 328 -5.83 -19.54 7.73
CA TRP A 328 -5.56 -19.17 9.13
C TRP A 328 -6.65 -19.66 10.06
N LYS A 329 -6.39 -19.49 11.36
CA LYS A 329 -7.31 -19.87 12.43
C LYS A 329 -6.87 -19.18 13.73
N ILE A 330 -7.81 -19.06 14.67
CA ILE A 330 -7.58 -18.44 15.97
C ILE A 330 -6.80 -19.37 16.90
N ASN A 331 -5.83 -18.82 17.63
CA ASN A 331 -5.05 -19.61 18.59
C ASN A 331 -5.83 -19.61 19.90
N LYS A 332 -6.84 -20.48 19.99
CA LYS A 332 -7.68 -20.49 21.18
C LYS A 332 -7.06 -20.51 22.56
N LYS A 333 -5.93 -21.16 22.75
CA LYS A 333 -5.33 -21.20 24.08
C LYS A 333 -4.84 -19.81 24.48
N VAL A 334 -4.30 -19.06 23.52
CA VAL A 334 -3.87 -17.69 23.80
C VAL A 334 -5.14 -16.89 23.99
N LEU A 335 -6.14 -17.13 23.14
CA LEU A 335 -7.41 -16.44 23.27
C LEU A 335 -7.99 -16.62 24.66
N ALA A 336 -7.94 -17.85 25.14
CA ALA A 336 -8.47 -18.17 26.47
C ALA A 336 -7.89 -17.31 27.56
N VAL A 337 -6.62 -16.96 27.44
CA VAL A 337 -5.95 -16.11 28.42
C VAL A 337 -6.38 -14.67 28.24
N ALA A 338 -6.15 -14.18 27.02
CA ALA A 338 -6.48 -12.82 26.62
C ALA A 338 -7.89 -12.46 27.04
N ASN A 339 -8.77 -13.46 27.00
CA ASN A 339 -10.16 -13.27 27.39
C ASN A 339 -10.33 -12.74 28.80
N VAL A 340 -9.51 -13.23 29.73
CA VAL A 340 -9.58 -12.81 31.13
C VAL A 340 -8.67 -11.66 31.52
N ILE A 341 -7.39 -11.76 31.16
CA ILE A 341 -6.39 -10.74 31.48
C ILE A 341 -6.76 -9.34 31.05
N THR A 342 -7.43 -9.22 29.91
CA THR A 342 -7.80 -7.90 29.41
C THR A 342 -8.85 -7.17 30.27
N LYS A 343 -9.32 -7.80 31.34
CA LYS A 343 -10.31 -7.18 32.24
C LYS A 343 -9.75 -6.81 33.62
N TRP A 344 -8.73 -7.55 34.06
CA TRP A 344 -8.09 -7.29 35.34
C TRP A 344 -7.87 -5.80 35.61
N VAL A 384 0.95 12.58 30.27
CA VAL A 384 -0.27 12.05 30.95
C VAL A 384 -1.54 12.37 30.16
N TYR A 385 -1.84 13.65 30.03
CA TYR A 385 -3.03 14.10 29.30
C TYR A 385 -2.83 13.71 27.82
N ARG A 386 -1.58 13.82 27.37
CA ARG A 386 -1.20 13.50 25.99
C ARG A 386 -1.17 11.99 25.70
N LYS A 387 -1.11 11.19 26.77
CA LYS A 387 -1.11 9.74 26.65
C LYS A 387 -2.25 9.14 27.46
N ASP A 388 -3.41 9.80 27.38
CA ASP A 388 -4.62 9.33 28.05
C ASP A 388 -5.64 9.15 26.91
N LYS A 389 -5.30 9.76 25.77
CA LYS A 389 -6.11 9.69 24.56
C LYS A 389 -6.03 8.29 23.95
N ALA A 390 -4.81 7.76 23.92
CA ALA A 390 -4.52 6.43 23.38
C ALA A 390 -5.15 5.35 24.23
N ARG A 391 -5.20 5.59 25.53
CA ARG A 391 -5.78 4.66 26.48
C ARG A 391 -7.28 4.52 26.18
N LYS A 392 -7.95 5.65 25.96
CA LYS A 392 -9.38 5.65 25.67
C LYS A 392 -9.72 5.12 24.29
N SER A 393 -8.73 5.02 23.41
CA SER A 393 -8.96 4.50 22.05
C SER A 393 -8.38 3.12 21.87
N ARG A 394 -7.27 2.81 22.52
CA ARG A 394 -6.73 1.48 22.35
C ARG A 394 -7.71 0.48 22.94
N ARG A 395 -8.67 0.98 23.72
CA ARG A 395 -9.66 0.12 24.35
C ARG A 395 -10.74 -0.32 23.36
N ILE A 396 -11.26 0.62 22.57
CA ILE A 396 -12.28 0.27 21.60
C ILE A 396 -11.68 -0.68 20.57
N SER A 397 -10.39 -0.54 20.31
CA SER A 397 -9.71 -1.41 19.34
C SER A 397 -9.47 -2.76 19.99
N LEU A 398 -9.16 -2.78 21.28
CA LEU A 398 -8.94 -4.07 21.91
C LEU A 398 -10.23 -4.84 21.73
N GLU A 399 -11.33 -4.25 22.18
CA GLU A 399 -12.64 -4.87 22.09
C GLU A 399 -13.04 -5.21 20.67
N PHE A 400 -12.76 -4.32 19.72
CA PHE A 400 -13.16 -4.67 18.37
C PHE A 400 -12.47 -5.94 17.92
N MET A 401 -11.25 -6.16 18.38
CA MET A 401 -10.53 -7.32 17.90
C MET A 401 -10.55 -8.57 18.80
N LEU A 402 -11.31 -8.51 19.88
CA LEU A 402 -11.48 -9.65 20.77
C LEU A 402 -12.89 -10.12 20.49
N GLU A 403 -13.66 -9.27 19.79
CA GLU A 403 -15.02 -9.61 19.41
C GLU A 403 -14.88 -10.38 18.14
N GLN A 404 -13.85 -10.08 17.37
CA GLN A 404 -13.66 -10.79 16.13
C GLN A 404 -13.02 -12.15 16.36
N ALA A 405 -11.95 -12.18 17.16
CA ALA A 405 -11.24 -13.44 17.42
C ALA A 405 -12.19 -14.50 17.93
N ASN A 406 -13.07 -14.12 18.85
CA ASN A 406 -14.06 -15.04 19.41
C ASN A 406 -15.06 -15.45 18.35
N LYS A 407 -15.46 -14.49 17.52
CA LYS A 407 -16.42 -14.72 16.45
C LYS A 407 -16.07 -15.90 15.54
N PHE A 408 -14.77 -16.04 15.20
CA PHE A 408 -14.32 -17.13 14.33
C PHE A 408 -13.45 -18.14 15.05
N ALA A 409 -13.51 -18.09 16.38
CA ALA A 409 -12.72 -18.95 17.25
C ALA A 409 -12.84 -20.44 16.87
N ASN A 410 -14.00 -20.85 16.37
CA ASN A 410 -14.14 -22.24 16.04
C ASN A 410 -13.94 -22.59 14.58
N HIS A 411 -14.01 -21.61 13.69
CA HIS A 411 -13.85 -21.93 12.28
C HIS A 411 -12.58 -22.71 12.00
N LYS A 412 -12.74 -23.82 11.28
CA LYS A 412 -11.60 -24.64 10.95
C LYS A 412 -10.56 -23.83 10.21
N ALA A 413 -10.98 -22.69 9.69
CA ALA A 413 -10.07 -21.80 8.95
C ALA A 413 -10.66 -20.43 8.61
N ILE A 414 -9.81 -19.50 8.19
CA ILE A 414 -10.23 -18.17 7.77
C ILE A 414 -9.23 -17.54 6.80
N TRP A 415 -9.72 -16.65 5.95
CA TRP A 415 -8.85 -16.01 4.96
C TRP A 415 -8.86 -14.48 5.06
N PHE A 416 -7.91 -13.81 4.39
CA PHE A 416 -7.83 -12.34 4.41
C PHE A 416 -7.57 -11.73 3.03
N PRO A 417 -8.54 -11.01 2.47
CA PRO A 417 -8.22 -10.43 1.15
C PRO A 417 -7.11 -9.39 1.34
N TYR A 418 -6.29 -9.16 0.31
CA TYR A 418 -5.20 -8.18 0.40
C TYR A 418 -5.22 -7.11 -0.69
N ASN A 419 -4.50 -6.02 -0.42
CA ASN A 419 -4.43 -4.81 -1.24
C ASN A 419 -2.99 -4.32 -1.37
N MET A 420 -2.80 -3.24 -2.13
CA MET A 420 -1.49 -2.64 -2.28
C MET A 420 -1.44 -1.08 -2.09
N ASP A 421 -0.24 -0.58 -1.80
CA ASP A 421 0.10 0.85 -1.62
C ASP A 421 0.31 1.37 -3.01
N TRP A 422 0.55 2.67 -3.13
CA TRP A 422 0.82 3.26 -4.42
C TRP A 422 2.29 2.99 -4.55
N ARG A 423 2.92 2.56 -3.49
CA ARG A 423 4.32 2.25 -3.61
C ARG A 423 4.66 0.75 -3.73
N GLY A 424 3.65 -0.11 -3.59
CA GLY A 424 3.90 -1.53 -3.68
C GLY A 424 3.37 -2.39 -2.52
N ARG A 425 3.69 -2.05 -1.28
CA ARG A 425 3.28 -2.81 -0.11
C ARG A 425 1.97 -3.56 -0.10
N VAL A 426 1.93 -4.77 0.45
CA VAL A 426 0.66 -5.48 0.50
C VAL A 426 0.05 -5.35 1.87
N TYR A 427 -1.14 -4.76 1.90
CA TYR A 427 -1.85 -4.58 3.15
C TYR A 427 -3.08 -5.47 3.13
N ALA A 428 -3.47 -5.95 4.31
CA ALA A 428 -4.61 -6.84 4.46
C ALA A 428 -5.80 -5.97 4.75
N VAL A 429 -6.86 -6.11 3.95
CA VAL A 429 -8.07 -5.31 4.09
C VAL A 429 -8.83 -5.26 5.41
N SER A 430 -9.06 -6.39 6.06
CA SER A 430 -9.86 -6.35 7.28
C SER A 430 -9.16 -5.76 8.49
N MET A 431 -9.94 -5.15 9.39
CA MET A 431 -9.40 -4.54 10.59
C MET A 431 -8.68 -5.57 11.43
N PHE A 432 -9.29 -6.73 11.65
CA PHE A 432 -8.64 -7.80 12.40
C PHE A 432 -7.79 -8.54 11.36
N ASN A 433 -6.47 -8.55 11.53
CA ASN A 433 -5.63 -9.25 10.57
C ASN A 433 -4.29 -9.68 11.17
N PRO A 434 -3.54 -10.50 10.47
CA PRO A 434 -2.29 -10.88 11.10
C PRO A 434 -1.25 -9.75 11.17
N GLN A 435 -1.64 -8.52 10.81
CA GLN A 435 -0.70 -7.39 10.86
C GLN A 435 -1.06 -6.31 11.90
N GLY A 436 -1.18 -6.68 13.18
CA GLY A 436 -1.53 -5.71 14.21
C GLY A 436 -0.66 -5.75 15.44
N ASN A 437 -1.19 -5.29 16.57
CA ASN A 437 -0.44 -5.28 17.82
C ASN A 437 -0.10 -6.74 18.10
N ASP A 438 0.73 -7.03 19.11
CA ASP A 438 1.08 -8.43 19.35
C ASP A 438 -0.09 -9.29 19.81
N MET A 439 -1.10 -8.70 20.43
CA MET A 439 -2.25 -9.50 20.87
C MET A 439 -2.96 -10.05 19.65
N THR A 440 -3.00 -9.28 18.59
CA THR A 440 -3.68 -9.77 17.41
C THR A 440 -2.72 -10.78 16.84
N LYS A 441 -1.44 -10.43 16.81
CA LYS A 441 -0.46 -11.33 16.25
C LYS A 441 -0.46 -12.70 16.91
N GLY A 442 -0.73 -12.73 18.21
CA GLY A 442 -0.76 -13.96 18.96
C GLY A 442 -2.05 -14.75 18.85
N LEU A 443 -3.17 -14.02 18.82
CA LEU A 443 -4.49 -14.60 18.70
C LEU A 443 -4.67 -15.33 17.38
N LEU A 444 -3.68 -15.25 16.49
CA LEU A 444 -3.75 -15.90 15.18
C LEU A 444 -2.67 -16.94 14.92
N THR A 445 -2.95 -17.86 14.02
CA THR A 445 -1.98 -18.87 13.65
C THR A 445 -2.35 -19.62 12.37
N LEU A 446 -1.33 -20.01 11.61
CA LEU A 446 -1.53 -20.74 10.37
C LEU A 446 -2.37 -21.97 10.63
N ALA A 447 -3.31 -22.24 9.74
CA ALA A 447 -4.23 -23.34 9.92
C ALA A 447 -3.89 -24.56 9.10
N LYS A 448 -2.62 -24.91 9.02
CA LYS A 448 -2.29 -26.05 8.21
C LYS A 448 -0.83 -26.36 8.45
N GLY A 449 -0.51 -27.46 9.10
CA GLY A 449 0.90 -27.67 9.38
C GLY A 449 1.64 -28.87 8.86
N LYS A 450 2.96 -28.81 9.00
CA LYS A 450 3.80 -29.92 8.61
C LYS A 450 4.60 -30.40 9.83
N PRO A 451 5.21 -31.59 9.73
CA PRO A 451 5.99 -32.10 10.86
C PRO A 451 7.24 -31.25 11.00
N ILE A 452 7.44 -30.68 12.19
CA ILE A 452 8.58 -29.80 12.48
C ILE A 452 9.91 -30.53 12.27
N GLY A 453 10.10 -31.58 13.08
CA GLY A 453 11.32 -32.36 12.98
C GLY A 453 12.50 -31.61 13.57
N LYS A 454 13.71 -32.05 13.23
CA LYS A 454 14.88 -31.39 13.77
C LYS A 454 14.91 -29.88 13.48
N GLU A 455 15.19 -29.48 12.25
CA GLU A 455 15.25 -28.04 11.91
C GLU A 455 14.10 -27.20 12.45
N GLY A 456 12.87 -27.55 12.09
CA GLY A 456 11.76 -26.78 12.60
C GLY A 456 12.03 -26.41 14.04
N TYR A 457 11.98 -27.41 14.91
CA TYR A 457 12.20 -27.24 16.34
C TYR A 457 13.35 -26.29 16.69
N TYR A 458 14.34 -26.18 15.80
CA TYR A 458 15.49 -25.29 16.02
C TYR A 458 15.09 -23.83 15.81
N TRP A 459 14.58 -23.57 14.61
CA TRP A 459 14.12 -22.25 14.22
C TRP A 459 12.99 -21.79 15.13
N LEU A 460 12.24 -22.75 15.68
CA LEU A 460 11.16 -22.40 16.58
C LEU A 460 11.80 -21.76 17.79
N LYS A 461 12.93 -22.33 18.20
CA LYS A 461 13.70 -21.85 19.34
C LYS A 461 14.23 -20.45 19.01
N ILE A 462 14.96 -20.36 17.91
CA ILE A 462 15.54 -19.08 17.49
C ILE A 462 14.42 -18.04 17.49
N HIS A 463 13.26 -18.44 16.99
CA HIS A 463 12.09 -17.59 16.93
C HIS A 463 11.77 -17.06 18.30
N GLY A 464 11.34 -17.96 19.17
CA GLY A 464 10.97 -17.60 20.53
C GLY A 464 12.01 -16.80 21.30
N ALA A 465 13.25 -16.83 20.86
CA ALA A 465 14.28 -16.06 21.54
C ALA A 465 13.94 -14.61 21.16
N ASN A 466 13.99 -14.35 19.86
CA ASN A 466 13.65 -13.05 19.33
C ASN A 466 12.34 -12.55 19.95
N CYS A 467 11.49 -13.49 20.30
CA CYS A 467 10.22 -13.14 20.87
C CYS A 467 10.38 -12.59 22.29
N ALA A 468 11.44 -13.00 22.96
CA ALA A 468 11.67 -12.54 24.34
C ALA A 468 12.35 -11.20 24.31
N GLY A 469 13.32 -11.10 23.40
CA GLY A 469 14.10 -9.88 23.22
C GLY A 469 15.55 -10.24 22.93
N VAL A 470 15.94 -11.48 23.17
CA VAL A 470 17.33 -11.92 22.95
C VAL A 470 17.65 -12.02 21.45
N ASP A 471 17.48 -10.92 20.73
CA ASP A 471 17.74 -10.93 19.29
C ASP A 471 18.99 -10.21 18.79
N LYS A 472 19.82 -9.72 19.71
CA LYS A 472 21.05 -9.02 19.32
C LYS A 472 22.21 -10.04 19.27
N VAL A 473 22.36 -10.78 20.37
CA VAL A 473 23.37 -11.83 20.57
C VAL A 473 23.31 -12.80 19.41
N PRO A 474 24.35 -13.65 19.23
CA PRO A 474 24.41 -14.66 18.16
C PRO A 474 23.52 -15.88 18.42
N PHE A 475 23.12 -16.54 17.34
CA PHE A 475 22.25 -17.73 17.37
C PHE A 475 22.55 -18.85 18.36
N PRO A 476 23.82 -19.28 18.47
CA PRO A 476 24.19 -20.36 19.39
C PRO A 476 23.89 -20.02 20.84
N GLU A 477 24.27 -18.82 21.27
CA GLU A 477 23.98 -18.42 22.64
C GLU A 477 22.55 -17.92 22.70
N ARG A 478 21.91 -17.91 21.53
CA ARG A 478 20.50 -17.50 21.40
C ARG A 478 19.67 -18.73 21.77
N ILE A 479 20.07 -19.90 21.26
CA ILE A 479 19.38 -21.16 21.57
C ILE A 479 19.38 -21.34 23.08
N LYS A 480 20.57 -21.39 23.67
CA LYS A 480 20.72 -21.58 25.11
C LYS A 480 19.70 -20.83 25.97
N PHE A 481 19.68 -19.50 25.88
CA PHE A 481 18.73 -18.72 26.67
C PHE A 481 17.45 -19.50 26.87
N ILE A 482 17.05 -20.22 25.84
CA ILE A 482 15.85 -21.00 25.94
C ILE A 482 16.01 -22.24 26.82
N GLU A 483 16.92 -23.17 26.53
CA GLU A 483 17.02 -24.34 27.43
C GLU A 483 17.29 -23.92 28.87
N GLU A 484 18.06 -22.85 29.01
CA GLU A 484 18.41 -22.31 30.31
C GLU A 484 17.15 -21.87 31.05
N ASN A 485 16.05 -21.74 30.31
CA ASN A 485 14.77 -21.33 30.87
C ASN A 485 13.66 -22.34 30.59
N HIS A 486 14.06 -23.58 30.28
CA HIS A 486 13.13 -24.64 29.99
C HIS A 486 11.92 -24.66 30.92
N GLU A 487 12.14 -24.98 32.19
CA GLU A 487 11.04 -25.07 33.14
C GLU A 487 10.26 -23.79 33.40
N ASN A 488 10.66 -22.69 32.79
CA ASN A 488 9.94 -21.44 32.98
C ASN A 488 8.88 -21.30 31.90
N ILE A 489 9.26 -21.67 30.69
CA ILE A 489 8.37 -21.64 29.55
C ILE A 489 7.24 -22.62 29.86
N MET A 490 7.61 -23.83 30.29
CA MET A 490 6.65 -24.88 30.64
C MET A 490 5.71 -24.41 31.73
N ALA A 491 6.30 -23.85 32.78
CA ALA A 491 5.55 -23.32 33.92
C ALA A 491 4.36 -22.55 33.37
N CYS A 492 4.58 -21.93 32.22
CA CYS A 492 3.54 -21.16 31.58
C CYS A 492 2.64 -22.17 30.87
N ALA A 493 2.12 -23.06 31.72
CA ALA A 493 1.18 -24.15 31.39
C ALA A 493 0.00 -23.87 32.34
N LYS A 494 0.11 -22.74 33.02
CA LYS A 494 -0.88 -22.21 33.95
C LYS A 494 -0.72 -20.69 33.90
N SER A 495 -0.63 -20.22 32.66
CA SER A 495 -0.49 -18.81 32.32
C SER A 495 -0.89 -17.71 33.32
N PRO A 496 -2.12 -17.77 33.88
CA PRO A 496 -2.56 -16.75 34.85
C PRO A 496 -2.01 -16.98 36.25
N LEU A 497 -2.02 -18.24 36.71
CA LEU A 497 -1.48 -18.62 38.02
C LEU A 497 -0.01 -18.25 37.87
N GLU A 498 0.68 -17.79 38.64
CA GLU A 498 1.67 -16.75 38.85
C GLU A 498 2.78 -16.83 37.82
N ASN A 499 2.55 -17.38 36.65
CA ASN A 499 3.48 -17.47 35.55
C ASN A 499 3.93 -16.11 35.09
N THR A 500 3.50 -15.11 35.28
CA THR A 500 3.31 -13.88 34.53
C THR A 500 4.58 -13.50 33.78
N TRP A 501 5.66 -14.28 34.03
CA TRP A 501 6.90 -14.23 33.25
C TRP A 501 6.75 -13.82 31.77
N TRP A 502 5.88 -14.50 31.01
CA TRP A 502 5.69 -14.17 29.60
C TRP A 502 5.29 -12.72 29.50
N ALA A 503 4.34 -12.29 30.32
CA ALA A 503 3.90 -10.90 30.27
C ALA A 503 5.05 -9.92 30.41
N GLU A 504 6.13 -10.34 31.06
CA GLU A 504 7.29 -9.47 31.26
C GLU A 504 8.19 -9.38 30.03
N GLN A 505 7.89 -10.14 28.99
CA GLN A 505 8.70 -10.14 27.79
C GLN A 505 8.31 -8.98 26.90
N ASP A 506 9.20 -8.65 25.98
CA ASP A 506 9.01 -7.55 25.04
C ASP A 506 7.63 -7.58 24.40
N SER A 507 7.20 -8.77 23.99
CA SER A 507 5.91 -8.95 23.33
C SER A 507 5.23 -10.14 24.00
N PRO A 508 4.45 -9.87 25.06
CA PRO A 508 3.73 -10.88 25.84
C PRO A 508 3.02 -12.02 25.08
N PHE A 509 2.01 -11.68 24.26
CA PHE A 509 1.29 -12.71 23.53
C PHE A 509 2.06 -13.28 22.33
N CYS A 510 2.85 -12.44 21.64
CA CYS A 510 3.65 -12.87 20.48
C CYS A 510 4.69 -13.87 20.99
N PHE A 511 4.69 -14.09 22.32
CA PHE A 511 5.60 -15.01 23.02
C PHE A 511 4.83 -16.15 23.67
N LEU A 512 3.84 -15.80 24.49
CA LEU A 512 3.02 -16.78 25.17
C LEU A 512 2.67 -17.89 24.17
N ALA A 513 2.20 -17.49 22.99
CA ALA A 513 1.86 -18.45 21.96
C ALA A 513 3.01 -19.40 21.79
N PHE A 514 4.22 -18.83 21.77
CA PHE A 514 5.44 -19.61 21.63
C PHE A 514 5.52 -20.72 22.66
N CYS A 515 5.49 -20.36 23.94
CA CYS A 515 5.54 -21.38 24.98
C CYS A 515 4.59 -22.53 24.59
N PHE A 516 3.30 -22.22 24.44
CA PHE A 516 2.32 -23.24 24.06
C PHE A 516 2.91 -24.15 22.98
N GLU A 517 3.35 -23.56 21.88
CA GLU A 517 3.93 -24.32 20.80
C GLU A 517 5.05 -25.18 21.36
N TYR A 518 5.99 -24.54 22.06
CA TYR A 518 7.13 -25.22 22.65
C TYR A 518 6.67 -26.43 23.41
N ALA A 519 5.71 -26.22 24.29
CA ALA A 519 5.12 -27.27 25.13
C ALA A 519 4.64 -28.45 24.29
N GLY A 520 3.72 -28.19 23.37
CA GLY A 520 3.20 -29.24 22.52
C GLY A 520 4.27 -30.02 21.76
N VAL A 521 5.42 -29.43 21.49
CA VAL A 521 6.47 -30.18 20.80
C VAL A 521 6.97 -31.20 21.84
N GLN A 522 7.14 -30.69 23.06
CA GLN A 522 7.59 -31.48 24.21
C GLN A 522 6.50 -32.41 24.71
N HIS A 523 5.56 -32.81 23.86
CA HIS A 523 4.49 -33.70 24.29
C HIS A 523 4.00 -34.62 23.18
N HIS A 524 4.29 -34.26 21.94
CA HIS A 524 3.85 -35.06 20.80
C HIS A 524 5.08 -35.35 19.97
N GLY A 525 6.17 -34.64 20.27
CA GLY A 525 7.43 -34.87 19.58
C GLY A 525 7.67 -34.18 18.26
N LEU A 526 8.84 -34.41 17.69
CA LEU A 526 9.23 -33.82 16.41
C LEU A 526 8.43 -34.38 15.25
N SER A 527 7.29 -34.98 15.57
CA SER A 527 6.43 -35.58 14.57
C SER A 527 5.18 -34.76 14.33
N TYR A 528 4.85 -33.88 15.26
CA TYR A 528 3.65 -33.04 15.17
C TYR A 528 3.61 -31.98 14.06
N ASN A 529 2.46 -31.89 13.39
CA ASN A 529 2.31 -30.88 12.35
C ASN A 529 2.03 -29.56 13.04
N CYS A 530 3.08 -28.89 13.51
CA CYS A 530 2.94 -27.59 14.15
C CYS A 530 2.73 -26.53 13.08
N SER A 531 2.06 -25.43 13.41
CA SER A 531 1.79 -24.40 12.39
C SER A 531 1.94 -22.91 12.75
N LEU A 532 2.41 -22.61 13.95
CA LEU A 532 2.63 -21.24 14.40
C LEU A 532 3.60 -20.54 13.45
N PRO A 533 3.17 -19.41 12.83
CA PRO A 533 3.99 -18.64 11.89
C PRO A 533 5.21 -18.12 12.59
N LEU A 534 6.38 -18.41 12.04
CA LEU A 534 7.62 -17.93 12.65
C LEU A 534 8.10 -16.82 11.76
N ALA A 535 8.27 -15.63 12.32
CA ALA A 535 8.73 -14.48 11.54
C ALA A 535 10.15 -14.08 11.94
N PHE A 536 10.87 -13.48 10.99
CA PHE A 536 12.24 -13.03 11.24
C PHE A 536 12.48 -11.70 10.58
N ASP A 537 13.02 -10.74 11.33
CA ASP A 537 13.30 -9.42 10.75
C ASP A 537 14.79 -9.20 10.60
N GLY A 538 15.19 -8.47 9.55
CA GLY A 538 16.60 -8.20 9.29
C GLY A 538 17.08 -6.82 9.76
N SER A 539 18.36 -6.73 10.11
CA SER A 539 18.96 -5.49 10.60
C SER A 539 18.66 -4.31 9.70
N CYS A 540 18.42 -4.56 8.41
CA CYS A 540 18.10 -3.53 7.40
C CYS A 540 18.04 -4.10 5.99
N SER A 541 17.05 -3.68 5.20
CA SER A 541 16.91 -4.12 3.80
C SER A 541 16.91 -2.83 3.00
N GLY A 542 17.92 -2.70 2.14
CA GLY A 542 18.08 -1.49 1.35
C GLY A 542 19.58 -1.34 1.38
N ILE A 543 20.17 -1.40 2.57
CA ILE A 543 21.62 -1.37 2.72
C ILE A 543 22.05 -2.76 2.19
N GLN A 544 21.04 -3.62 2.07
CA GLN A 544 21.19 -4.98 1.57
C GLN A 544 21.14 -5.02 0.04
N HIS A 545 20.02 -4.60 -0.54
CA HIS A 545 19.86 -4.58 -2.00
C HIS A 545 20.89 -3.69 -2.69
N PHE A 546 21.34 -2.61 -2.01
CA PHE A 546 22.32 -1.70 -2.63
C PHE A 546 23.66 -2.37 -2.69
N SER A 547 23.96 -3.17 -1.66
CA SER A 547 25.22 -3.92 -1.58
C SER A 547 25.23 -5.01 -2.64
N ALA A 548 24.06 -5.59 -2.87
CA ALA A 548 23.94 -6.60 -3.89
C ALA A 548 24.05 -5.83 -5.20
N MET A 549 23.12 -4.91 -5.42
CA MET A 549 23.10 -4.10 -6.61
C MET A 549 24.51 -3.61 -6.98
N LEU A 550 25.17 -2.89 -6.08
CA LEU A 550 26.51 -2.40 -6.37
C LEU A 550 27.59 -3.46 -6.31
N ARG A 551 27.44 -4.50 -5.36
CA ARG A 551 28.46 -5.52 -5.31
C ARG A 551 29.69 -5.04 -4.54
N ASP A 552 29.44 -4.47 -3.33
CA ASP A 552 30.41 -4.28 -2.28
C ASP A 552 30.29 -5.36 -1.23
N GLU A 553 31.41 -5.85 -0.70
CA GLU A 553 31.45 -6.89 0.32
C GLU A 553 31.28 -6.30 1.71
N VAL A 554 32.37 -5.70 2.18
CA VAL A 554 32.48 -5.05 3.48
C VAL A 554 31.14 -4.70 4.10
N GLY A 555 30.25 -4.10 3.30
CA GLY A 555 28.93 -3.73 3.79
C GLY A 555 27.93 -4.87 3.63
N GLY A 556 27.95 -5.54 2.49
CA GLY A 556 27.05 -6.65 2.29
C GLY A 556 27.23 -7.64 3.43
N ARG A 557 28.45 -7.68 3.98
CA ARG A 557 28.77 -8.60 5.07
C ARG A 557 28.48 -7.95 6.42
N ALA A 558 28.39 -6.63 6.44
CA ALA A 558 28.14 -5.94 7.69
C ALA A 558 26.70 -6.12 8.13
N VAL A 559 25.79 -6.07 7.18
CA VAL A 559 24.36 -6.20 7.44
C VAL A 559 24.06 -7.50 8.18
N ASN A 560 24.16 -8.52 8.13
CA ASN A 560 24.62 -9.85 8.45
C ASN A 560 24.17 -10.85 7.39
N LEU A 561 23.50 -10.19 6.23
CA LEU A 561 22.82 -11.17 5.42
C LEU A 561 23.36 -11.42 4.04
N LEU A 562 24.36 -10.72 3.56
CA LEU A 562 24.63 -11.11 2.21
C LEU A 562 25.51 -12.31 1.95
N PRO A 563 26.72 -12.35 2.50
CA PRO A 563 27.63 -13.49 2.33
C PRO A 563 27.71 -14.30 3.61
N SER A 564 28.46 -15.40 3.57
CA SER A 564 28.61 -16.24 4.76
C SER A 564 29.52 -15.59 5.82
N GLU A 565 29.01 -15.54 7.04
CA GLU A 565 29.71 -14.95 8.19
C GLU A 565 29.09 -15.42 9.49
N THR A 566 29.46 -14.76 10.58
CA THR A 566 28.93 -15.03 11.90
C THR A 566 28.10 -13.80 12.29
N VAL A 567 26.78 -13.94 12.23
CA VAL A 567 25.82 -12.87 12.53
C VAL A 567 26.29 -11.84 13.56
N GLN A 568 26.50 -10.60 13.12
CA GLN A 568 26.94 -9.51 14.00
C GLN A 568 26.30 -8.17 13.59
N ASP A 569 25.72 -7.44 14.52
CA ASP A 569 25.05 -6.19 14.13
C ASP A 569 25.91 -5.03 13.62
N ILE A 570 25.35 -4.34 12.61
CA ILE A 570 25.96 -3.20 11.96
C ILE A 570 25.88 -2.01 12.91
N TYR A 571 24.71 -1.86 13.56
CA TYR A 571 24.49 -0.76 14.49
C TYR A 571 25.60 -0.67 15.50
N GLY A 572 26.07 -1.85 15.92
CA GLY A 572 27.15 -1.92 16.88
C GLY A 572 28.47 -1.65 16.20
N ILE A 573 28.60 -2.17 14.99
CA ILE A 573 29.82 -1.96 14.24
C ILE A 573 30.08 -0.48 14.06
N VAL A 574 29.05 0.29 13.72
CA VAL A 574 29.21 1.72 13.53
C VAL A 574 29.49 2.41 14.85
N ALA A 575 29.20 1.74 15.95
CA ALA A 575 29.47 2.32 17.25
C ALA A 575 30.97 2.39 17.47
N LYS A 576 31.62 1.23 17.48
CA LYS A 576 33.07 1.17 17.71
C LYS A 576 33.82 2.21 16.87
N LYS A 577 33.49 2.31 15.59
CA LYS A 577 34.17 3.25 14.73
C LYS A 577 33.99 4.68 15.19
N VAL A 578 32.85 4.98 15.83
CA VAL A 578 32.60 6.32 16.34
C VAL A 578 33.53 6.58 17.49
N ASN A 579 33.45 5.73 18.51
CA ASN A 579 34.30 5.87 19.68
C ASN A 579 35.79 5.79 19.36
N GLU A 580 36.18 4.71 18.70
CA GLU A 580 37.56 4.50 18.30
C GLU A 580 38.14 5.80 17.75
N ILE A 581 37.35 6.49 16.92
CA ILE A 581 37.77 7.76 16.33
C ILE A 581 37.83 8.86 17.38
N LEU A 582 36.81 8.91 18.24
CA LEU A 582 36.74 9.91 19.30
C LEU A 582 38.07 9.99 20.02
N GLN A 583 38.34 9.02 20.87
CA GLN A 583 39.59 8.98 21.60
C GLN A 583 40.69 9.28 20.61
N ALA A 584 40.90 8.32 19.72
CA ALA A 584 41.92 8.36 18.68
C ALA A 584 42.45 9.75 18.40
N ASP A 585 41.74 10.52 17.57
CA ASP A 585 42.20 11.87 17.23
C ASP A 585 41.39 13.06 17.72
N ALA A 586 40.30 12.84 18.45
CA ALA A 586 39.55 14.00 18.94
C ALA A 586 40.29 14.54 20.15
N ILE A 587 40.48 13.68 21.16
CA ILE A 587 41.19 14.04 22.38
C ILE A 587 42.62 14.41 22.04
N ASN A 588 43.29 13.46 21.37
CA ASN A 588 44.67 13.58 20.97
C ASN A 588 44.81 14.37 19.65
N GLY A 589 43.83 15.24 19.37
CA GLY A 589 43.86 16.03 18.16
C GLY A 589 42.82 17.14 18.19
N GLY A 612 35.17 25.43 17.08
CA GLY A 612 36.13 24.29 17.01
C GLY A 612 35.75 23.14 17.93
N THR A 613 36.28 23.16 19.14
CA THR A 613 36.01 22.15 20.15
C THR A 613 35.90 20.72 19.59
N LYS A 614 36.86 20.29 18.77
CA LYS A 614 36.82 18.94 18.23
C LYS A 614 37.36 18.04 19.35
N ALA A 615 37.26 18.57 20.57
CA ALA A 615 37.68 17.91 21.79
C ALA A 615 36.42 17.50 22.55
N LEU A 616 35.39 17.15 21.79
CA LEU A 616 34.12 16.74 22.36
C LEU A 616 34.22 15.28 22.71
N ALA A 617 35.35 14.68 22.35
CA ALA A 617 35.58 13.27 22.64
C ALA A 617 35.63 13.10 24.15
N GLY A 618 35.18 14.13 24.85
CA GLY A 618 35.15 14.09 26.30
C GLY A 618 33.70 14.13 26.69
N GLN A 619 32.98 15.10 26.14
CA GLN A 619 31.57 15.25 26.45
C GLN A 619 30.89 13.90 26.24
N TRP A 620 31.16 13.27 25.10
CA TRP A 620 30.56 11.97 24.82
C TRP A 620 31.14 10.82 25.62
N LEU A 621 32.46 10.74 25.71
CA LEU A 621 33.08 9.66 26.46
C LEU A 621 32.75 9.69 27.94
N ALA A 622 32.33 10.85 28.43
CA ALA A 622 31.96 10.99 29.83
C ALA A 622 30.53 10.47 30.05
N TYR A 623 29.76 10.46 28.96
CA TYR A 623 28.35 10.03 28.93
C TYR A 623 28.24 8.58 28.49
N GLY A 624 29.05 8.24 27.48
CA GLY A 624 29.07 6.90 26.95
C GLY A 624 28.49 6.82 25.55
N VAL A 625 29.18 6.14 24.65
CA VAL A 625 28.71 5.96 23.28
C VAL A 625 28.47 4.48 23.11
N THR A 626 27.19 4.14 23.04
CA THR A 626 26.77 2.75 22.93
C THR A 626 26.21 2.48 21.53
N ARG A 627 25.83 1.23 21.25
CA ARG A 627 25.26 0.96 19.95
C ARG A 627 23.84 1.47 19.92
N SER A 628 23.36 1.89 21.09
CA SER A 628 22.02 2.42 21.21
C SER A 628 21.96 3.89 20.84
N VAL A 629 23.07 4.47 20.40
CA VAL A 629 23.06 5.88 20.00
C VAL A 629 23.45 6.06 18.52
N THR A 630 24.20 5.10 18.00
CA THR A 630 24.62 5.13 16.60
C THR A 630 23.86 4.08 15.81
N LYS A 631 22.52 4.12 15.86
CA LYS A 631 21.71 3.14 15.12
C LYS A 631 20.44 3.73 14.55
N ARG A 632 19.86 4.70 15.24
CA ARG A 632 18.63 5.30 14.75
C ARG A 632 18.84 5.98 13.41
N SER A 633 20.01 6.54 13.23
CA SER A 633 20.30 7.21 11.98
C SER A 633 20.79 6.21 10.95
N VAL A 634 21.63 5.28 11.36
CA VAL A 634 22.17 4.27 10.46
C VAL A 634 21.10 3.45 9.77
N MET A 635 19.84 3.61 10.19
CA MET A 635 18.75 2.90 9.56
C MET A 635 17.85 3.87 8.84
N THR A 636 18.19 5.14 8.93
CA THR A 636 17.42 6.19 8.28
C THR A 636 18.14 6.63 7.01
N LEU A 637 18.88 5.75 6.36
CA LEU A 637 19.54 6.17 5.13
C LEU A 637 18.67 6.71 3.98
N ALA A 638 17.35 6.84 4.18
CA ALA A 638 16.40 7.40 3.17
C ALA A 638 15.87 8.81 3.50
N TYR A 639 14.67 8.96 4.09
CA TYR A 639 14.13 10.30 4.45
C TYR A 639 15.13 11.07 5.32
N GLY A 640 15.58 10.40 6.40
CA GLY A 640 16.56 10.98 7.28
C GLY A 640 17.79 10.82 6.43
N SER A 641 18.56 11.88 6.24
CA SER A 641 19.70 11.77 5.36
C SER A 641 21.03 12.24 5.95
N LYS A 642 21.92 12.64 5.05
CA LYS A 642 23.27 13.07 5.42
C LYS A 642 23.42 13.83 6.76
N GLU A 643 24.62 13.70 7.33
CA GLU A 643 24.96 14.02 8.71
C GLU A 643 23.95 14.99 9.31
N PHE A 644 23.52 15.93 8.49
CA PHE A 644 22.54 16.94 8.85
C PHE A 644 21.30 16.31 9.46
N GLY A 645 20.99 15.11 9.02
CA GLY A 645 19.83 14.42 9.54
C GLY A 645 20.20 13.63 10.78
N PHE A 646 21.48 13.47 11.03
CA PHE A 646 21.93 12.74 12.19
C PHE A 646 21.86 13.66 13.39
N ARG A 647 22.16 14.93 13.17
CA ARG A 647 22.15 15.97 14.20
C ARG A 647 20.84 16.03 14.94
N GLN A 648 19.75 16.23 14.22
CA GLN A 648 18.44 16.36 14.86
C GLN A 648 17.94 15.08 15.48
N GLN A 649 18.42 13.94 14.99
CA GLN A 649 18.03 12.66 15.55
C GLN A 649 18.85 12.43 16.82
N VAL A 650 20.16 12.59 16.69
CA VAL A 650 21.04 12.41 17.84
C VAL A 650 20.54 13.40 18.89
N LEU A 651 20.53 14.68 18.52
CA LEU A 651 20.08 15.74 19.40
C LEU A 651 18.69 15.48 19.95
N GLU A 652 17.89 14.75 19.20
CA GLU A 652 16.51 14.49 19.61
C GLU A 652 16.34 13.22 20.43
N ASP A 653 17.25 12.27 20.24
CA ASP A 653 17.16 10.98 20.92
C ASP A 653 18.01 10.75 22.15
N THR A 654 19.29 11.12 22.12
CA THR A 654 20.14 10.86 23.28
C THR A 654 20.54 12.05 24.15
N ILE A 655 20.99 13.14 23.53
CA ILE A 655 21.41 14.32 24.28
C ILE A 655 20.30 14.98 25.08
N GLN A 656 19.39 15.65 24.38
CA GLN A 656 18.29 16.34 25.05
C GLN A 656 17.60 15.52 26.14
N PRO A 657 17.30 14.24 25.87
CA PRO A 657 16.63 13.37 26.85
C PRO A 657 17.53 12.96 28.00
N ALA A 658 18.77 13.44 28.01
CA ALA A 658 19.67 13.10 29.10
C ALA A 658 19.74 14.33 29.99
N ILE A 659 19.55 15.50 29.38
CA ILE A 659 19.57 16.75 30.11
C ILE A 659 18.29 16.87 30.93
N ASP A 660 17.21 16.26 30.42
CA ASP A 660 15.90 16.29 31.08
C ASP A 660 15.90 15.63 32.46
N SER A 661 16.69 14.57 32.58
CA SER A 661 16.82 13.80 33.81
C SER A 661 18.13 14.12 34.50
N GLY A 662 18.85 15.10 33.96
CA GLY A 662 20.12 15.49 34.53
C GLY A 662 21.10 14.35 34.50
N LYS A 663 21.42 13.88 33.30
CA LYS A 663 22.36 12.79 33.13
C LYS A 663 23.36 13.17 32.05
N GLY A 664 23.24 14.41 31.57
CA GLY A 664 24.13 14.90 30.53
C GLY A 664 24.98 16.10 30.90
N LEU A 665 25.04 16.43 32.19
CA LEU A 665 25.83 17.56 32.69
C LEU A 665 27.07 17.83 31.85
N MET A 666 27.64 16.78 31.28
CA MET A 666 28.83 16.92 30.47
C MET A 666 28.62 17.76 29.21
N PHE A 667 27.42 17.67 28.63
CA PHE A 667 27.09 18.41 27.41
C PHE A 667 26.78 19.87 27.69
N THR A 668 27.81 20.68 27.85
CA THR A 668 27.61 22.10 28.14
C THR A 668 26.92 22.77 26.97
N GLN A 669 27.47 22.54 25.77
CA GLN A 669 26.92 23.09 24.54
C GLN A 669 26.19 21.96 23.82
N PRO A 670 24.86 22.12 23.64
CA PRO A 670 23.90 21.20 22.99
C PRO A 670 24.13 20.86 21.51
N ASN A 671 23.47 21.63 20.64
CA ASN A 671 23.54 21.46 19.20
C ASN A 671 24.90 21.05 18.69
N GLN A 672 25.93 21.78 19.12
CA GLN A 672 27.29 21.51 18.70
C GLN A 672 27.74 20.11 19.07
N ALA A 673 27.14 19.55 20.12
CA ALA A 673 27.47 18.20 20.54
C ALA A 673 26.94 17.26 19.46
N ALA A 674 25.65 17.40 19.18
CA ALA A 674 24.96 16.61 18.17
C ALA A 674 25.71 16.65 16.85
N GLY A 675 25.89 17.87 16.34
CA GLY A 675 26.60 18.07 15.08
C GLY A 675 27.93 17.35 15.02
N TYR A 676 28.60 17.24 16.17
CA TYR A 676 29.89 16.58 16.21
C TYR A 676 29.75 15.08 15.97
N MET A 677 28.75 14.49 16.60
CA MET A 677 28.51 13.05 16.48
C MET A 677 28.13 12.74 15.05
N ALA A 678 27.23 13.53 14.48
CA ALA A 678 26.83 13.33 13.09
C ALA A 678 28.11 13.11 12.27
N LYS A 679 28.99 14.12 12.19
CA LYS A 679 30.22 13.94 11.43
C LYS A 679 30.79 12.56 11.68
N LEU A 680 30.72 12.10 12.93
CA LEU A 680 31.24 10.79 13.28
C LEU A 680 30.40 9.62 12.75
N ILE A 681 29.07 9.72 12.87
CA ILE A 681 28.21 8.66 12.36
C ILE A 681 28.40 8.56 10.86
N TRP A 682 28.32 9.69 10.17
CA TRP A 682 28.47 9.70 8.72
C TRP A 682 29.80 9.14 8.21
N GLU A 683 30.91 9.54 8.82
CA GLU A 683 32.20 9.01 8.38
C GLU A 683 32.27 7.51 8.66
N SER A 684 31.62 7.06 9.73
CA SER A 684 31.63 5.64 10.07
C SER A 684 30.76 4.83 9.12
N VAL A 685 29.64 5.40 8.69
CA VAL A 685 28.77 4.70 7.76
C VAL A 685 29.42 4.70 6.37
N SER A 686 29.91 5.87 5.97
CA SER A 686 30.54 6.05 4.67
C SER A 686 31.72 5.12 4.51
N VAL A 687 31.95 4.25 5.49
CA VAL A 687 33.07 3.32 5.40
C VAL A 687 32.60 1.90 5.60
N THR A 688 31.56 1.75 6.40
CA THR A 688 31.02 0.43 6.69
C THR A 688 30.21 -0.10 5.50
N VAL A 689 29.22 0.68 5.09
CA VAL A 689 28.35 0.32 3.98
C VAL A 689 28.52 1.37 2.88
N VAL A 690 29.58 1.23 2.09
CA VAL A 690 29.90 2.20 1.05
C VAL A 690 28.88 2.38 -0.08
N ALA A 691 28.47 1.29 -0.71
CA ALA A 691 27.54 1.35 -1.81
C ALA A 691 26.19 1.95 -1.42
N ALA A 692 25.71 1.64 -0.22
CA ALA A 692 24.41 2.16 0.22
C ALA A 692 24.40 3.69 0.16
N VAL A 693 25.44 4.32 0.69
CA VAL A 693 25.53 5.77 0.69
C VAL A 693 25.74 6.25 -0.74
N GLU A 694 26.58 5.51 -1.46
CA GLU A 694 26.81 5.88 -2.84
C GLU A 694 25.51 5.88 -3.65
N ALA A 695 24.79 4.76 -3.56
CA ALA A 695 23.52 4.59 -4.28
C ALA A 695 22.50 5.65 -3.91
N MET A 696 22.52 6.10 -2.66
CA MET A 696 21.57 7.11 -2.18
C MET A 696 21.85 8.53 -2.68
N ASN A 697 23.12 8.84 -2.90
CA ASN A 697 23.45 10.16 -3.44
C ASN A 697 23.03 10.12 -4.91
N TRP A 698 23.37 9.00 -5.58
CA TRP A 698 23.03 8.83 -6.98
C TRP A 698 21.57 9.20 -7.21
N LEU A 699 20.69 8.73 -6.31
CA LEU A 699 19.28 9.03 -6.42
C LEU A 699 18.96 10.47 -5.97
N LYS A 700 19.59 10.89 -4.89
CA LYS A 700 19.37 12.25 -4.40
C LYS A 700 19.72 13.19 -5.55
N SER A 701 20.52 12.67 -6.48
CA SER A 701 20.99 13.44 -7.63
C SER A 701 20.06 13.39 -8.83
N ALA A 702 19.46 12.23 -9.08
CA ALA A 702 18.56 12.07 -10.20
C ALA A 702 17.32 12.80 -9.81
N ALA A 703 17.19 12.96 -8.49
CA ALA A 703 16.05 13.63 -7.88
C ALA A 703 16.00 15.13 -8.25
N LYS A 704 17.18 15.77 -8.30
CA LYS A 704 17.28 17.18 -8.68
C LYS A 704 16.80 17.42 -10.10
N LEU A 705 17.27 16.55 -11.00
CA LEU A 705 16.91 16.62 -12.41
C LEU A 705 15.45 16.24 -12.65
N LEU A 706 15.11 14.97 -12.42
CA LEU A 706 13.74 14.48 -12.62
C LEU A 706 12.63 15.45 -12.21
N ALA A 707 12.77 16.13 -11.09
CA ALA A 707 11.73 17.04 -10.62
C ALA A 707 11.98 18.55 -10.84
N ALA A 708 12.99 18.88 -11.64
CA ALA A 708 13.32 20.28 -11.93
C ALA A 708 12.44 20.88 -13.03
N GLU A 709 12.78 22.10 -13.46
CA GLU A 709 12.05 22.77 -14.53
C GLU A 709 13.17 23.15 -15.48
N VAL A 710 12.98 22.91 -16.79
CA VAL A 710 14.02 23.20 -17.79
C VAL A 710 14.89 24.39 -17.43
N LYS A 711 16.22 24.21 -17.47
CA LYS A 711 17.11 25.33 -17.14
C LYS A 711 17.68 26.19 -18.29
N ASP A 712 17.09 26.13 -19.48
CA ASP A 712 17.53 27.00 -20.58
C ASP A 712 16.81 28.31 -20.31
N LYS A 713 17.50 29.42 -20.48
CA LYS A 713 16.87 30.71 -20.31
C LYS A 713 16.87 31.24 -21.74
N LYS A 714 17.39 30.40 -22.64
CA LYS A 714 17.50 30.70 -24.06
C LYS A 714 16.17 31.11 -24.70
N THR A 715 15.06 30.84 -24.02
CA THR A 715 13.75 31.27 -24.52
C THR A 715 13.30 30.70 -25.88
N GLY A 716 13.24 29.37 -26.01
CA GLY A 716 12.79 28.82 -27.29
C GLY A 716 12.70 27.31 -27.41
N GLU A 717 11.49 26.77 -27.41
CA GLU A 717 11.25 25.31 -27.51
C GLU A 717 11.97 24.61 -26.35
N ILE A 718 12.35 25.39 -25.36
CA ILE A 718 13.09 24.85 -24.23
C ILE A 718 12.39 25.03 -22.89
N LEU A 719 11.32 24.27 -22.69
CA LEU A 719 10.58 24.32 -21.44
C LEU A 719 10.26 22.86 -21.05
N ARG A 720 10.08 22.60 -19.75
CA ARG A 720 9.80 21.27 -19.23
C ARG A 720 9.06 21.47 -17.91
N LYS A 721 7.74 21.31 -17.96
CA LYS A 721 6.89 21.49 -16.78
C LYS A 721 7.31 20.70 -15.56
N ARG A 722 7.06 21.29 -14.39
CA ARG A 722 7.33 20.66 -13.11
C ARG A 722 6.27 19.56 -13.13
N SER A 723 6.64 18.32 -13.41
CA SER A 723 5.60 17.30 -13.45
C SER A 723 5.88 16.07 -12.60
N ALA A 724 5.03 15.07 -12.78
CA ALA A 724 5.14 13.80 -12.09
C ALA A 724 6.46 13.10 -12.36
N VAL A 725 6.78 12.13 -11.52
CA VAL A 725 8.00 11.34 -11.67
C VAL A 725 7.54 9.91 -11.49
N HIS A 726 7.92 9.01 -12.38
CA HIS A 726 7.49 7.60 -12.22
C HIS A 726 8.61 6.57 -12.42
N TRP A 727 8.40 5.33 -11.99
CA TRP A 727 9.39 4.25 -12.20
C TRP A 727 8.83 2.84 -12.00
N VAL A 728 9.42 1.84 -12.67
CA VAL A 728 8.94 0.45 -12.54
C VAL A 728 9.83 -0.60 -11.88
N THR A 729 9.29 -1.27 -10.88
CA THR A 729 9.99 -2.34 -10.20
C THR A 729 10.15 -3.55 -11.13
N PRO A 730 11.14 -4.42 -10.85
CA PRO A 730 11.39 -5.63 -11.67
C PRO A 730 10.20 -6.59 -11.92
N ASP A 731 9.28 -6.76 -10.96
CA ASP A 731 8.15 -7.63 -11.25
C ASP A 731 7.11 -6.94 -12.15
N GLY A 732 7.42 -5.73 -12.60
CA GLY A 732 6.51 -5.03 -13.49
C GLY A 732 5.58 -3.97 -12.94
N PHE A 733 5.46 -3.86 -11.62
CA PHE A 733 4.59 -2.86 -11.00
C PHE A 733 5.10 -1.43 -11.18
N PRO A 734 4.27 -0.52 -11.76
CA PRO A 734 4.53 0.90 -12.05
C PRO A 734 4.24 1.80 -10.87
N VAL A 735 5.18 2.66 -10.52
CA VAL A 735 4.96 3.57 -9.39
C VAL A 735 4.90 5.01 -9.88
N TRP A 736 3.79 5.70 -9.59
CA TRP A 736 3.58 7.09 -9.99
C TRP A 736 3.56 8.09 -8.80
N GLN A 737 4.61 8.89 -8.65
CA GLN A 737 4.66 9.86 -7.54
C GLN A 737 4.38 11.28 -8.01
N GLU A 738 3.36 11.90 -7.43
CA GLU A 738 2.96 13.22 -7.87
C GLU A 738 2.32 14.02 -6.75
N TYR A 739 3.16 14.59 -5.89
CA TYR A 739 2.72 15.38 -4.75
C TYR A 739 2.18 16.75 -5.13
N LYS A 740 0.89 16.94 -4.99
CA LYS A 740 0.23 18.20 -5.33
C LYS A 740 -0.07 19.12 -4.14
N LYS A 741 0.18 20.41 -4.35
CA LYS A 741 -0.14 21.39 -3.33
C LYS A 741 -1.67 21.46 -3.36
N PRO A 742 -2.32 21.40 -2.19
CA PRO A 742 -3.78 21.44 -2.09
C PRO A 742 -4.46 22.77 -2.45
N ILE A 743 -5.70 22.68 -2.92
CA ILE A 743 -6.53 23.83 -3.28
C ILE A 743 -7.85 23.55 -2.55
N GLN A 744 -8.18 24.41 -1.60
CA GLN A 744 -9.38 24.22 -0.77
C GLN A 744 -10.09 25.49 -0.33
N THR A 745 -11.31 25.33 0.20
CA THR A 745 -12.10 26.46 0.71
C THR A 745 -13.03 25.97 1.83
N ARG A 746 -12.80 26.47 3.04
CA ARG A 746 -13.55 26.15 4.25
C ARG A 746 -15.07 26.14 4.11
N LEU A 747 -15.72 25.39 4.99
CA LEU A 747 -17.18 25.25 5.03
C LEU A 747 -17.75 25.95 6.27
N ASN A 748 -19.08 25.93 6.38
CA ASN A 748 -19.77 26.55 7.50
C ASN A 748 -20.94 25.67 7.93
N LEU A 749 -20.92 25.24 9.19
CA LEU A 749 -21.94 24.35 9.72
C LEU A 749 -22.25 24.75 11.17
N MET A 750 -23.48 25.17 11.46
CA MET A 750 -23.87 25.52 12.84
C MET A 750 -25.09 24.69 13.19
N PHE A 751 -25.27 23.60 12.46
CA PHE A 751 -26.44 22.72 12.58
C PHE A 751 -26.96 22.10 13.91
N LEU A 752 -26.11 21.87 14.92
CA LEU A 752 -26.63 21.25 16.16
C LEU A 752 -27.34 22.25 17.09
N GLY A 753 -28.17 23.11 16.51
CA GLY A 753 -28.85 24.12 17.31
C GLY A 753 -27.84 25.21 17.61
N GLN A 754 -26.86 24.86 18.44
CA GLN A 754 -25.78 25.74 18.87
C GLN A 754 -24.51 25.37 18.08
N PHE A 755 -23.35 25.49 18.73
CA PHE A 755 -22.01 25.15 18.20
C PHE A 755 -21.63 25.34 16.72
N ARG A 756 -21.12 26.53 16.38
CA ARG A 756 -20.70 26.85 15.02
C ARG A 756 -19.40 26.14 14.67
N LEU A 757 -19.39 25.39 13.57
CA LEU A 757 -18.17 24.70 13.14
C LEU A 757 -17.82 25.12 11.74
N GLN A 758 -16.56 25.45 11.53
CA GLN A 758 -16.10 25.87 10.21
C GLN A 758 -14.77 25.23 9.83
N PRO A 759 -14.79 23.92 9.54
CA PRO A 759 -13.64 23.09 9.15
C PRO A 759 -13.20 23.37 7.71
N THR A 760 -11.97 22.94 7.37
CA THR A 760 -11.43 23.15 6.03
C THR A 760 -11.54 21.92 5.14
N ILE A 761 -12.29 22.02 4.03
CA ILE A 761 -12.44 20.88 3.12
C ILE A 761 -11.08 20.50 2.57
N ASN A 762 -10.49 19.48 3.19
CA ASN A 762 -9.19 18.95 2.82
C ASN A 762 -8.65 19.44 1.47
N THR A 763 -9.43 19.26 0.39
CA THR A 763 -9.00 19.69 -0.94
C THR A 763 -10.16 19.62 -1.93
N ASN A 764 -9.95 20.16 -3.14
CA ASN A 764 -10.98 20.15 -4.18
C ASN A 764 -10.50 19.53 -5.50
N LYS A 765 -9.28 18.96 -5.47
CA LYS A 765 -8.68 18.29 -6.63
C LYS A 765 -8.22 19.14 -7.85
N ASP A 766 -7.85 20.40 -7.65
CA ASP A 766 -7.38 21.23 -8.77
C ASP A 766 -5.95 21.73 -8.54
N SER A 767 -5.09 20.84 -8.08
CA SER A 767 -3.72 21.19 -7.69
C SER A 767 -2.53 21.32 -8.65
N GLU A 768 -1.51 22.01 -8.16
CA GLU A 768 -0.25 22.28 -8.83
C GLU A 768 0.90 21.68 -8.00
N ILE A 769 1.81 20.96 -8.66
CA ILE A 769 2.94 20.29 -8.01
C ILE A 769 3.54 20.99 -6.78
N ASP A 770 4.24 20.21 -5.96
CA ASP A 770 4.93 20.72 -4.77
C ASP A 770 6.39 20.30 -4.87
N ALA A 771 7.09 20.94 -5.80
CA ALA A 771 8.50 20.68 -6.07
C ALA A 771 9.37 20.29 -4.89
N HIS A 772 9.01 20.70 -3.67
CA HIS A 772 9.85 20.31 -2.56
C HIS A 772 9.74 18.83 -2.31
N LYS A 773 8.52 18.40 -1.94
CA LYS A 773 8.25 17.00 -1.66
C LYS A 773 8.63 16.11 -2.81
N GLN A 774 8.22 16.51 -4.00
CA GLN A 774 8.52 15.78 -5.21
C GLN A 774 9.99 15.37 -5.26
N GLU A 775 10.90 16.29 -4.96
CA GLU A 775 12.32 15.97 -4.98
C GLU A 775 12.78 15.20 -3.74
N SER A 776 12.32 15.59 -2.57
CA SER A 776 12.76 14.92 -1.35
C SER A 776 12.04 13.61 -1.07
N GLY A 777 11.12 13.26 -1.96
CA GLY A 777 10.40 12.02 -1.78
C GLY A 777 10.79 10.93 -2.78
N ILE A 778 11.68 11.22 -3.72
CA ILE A 778 12.04 10.19 -4.67
C ILE A 778 12.93 9.08 -4.11
N ALA A 779 14.02 9.41 -3.42
CA ALA A 779 14.89 8.35 -2.89
C ALA A 779 14.18 7.36 -1.97
N PRO A 780 13.57 7.86 -0.88
CA PRO A 780 12.87 7.00 0.08
C PRO A 780 11.68 6.19 -0.51
N ASN A 781 10.82 6.86 -1.28
CA ASN A 781 9.68 6.17 -1.87
C ASN A 781 10.17 5.08 -2.81
N PHE A 782 11.37 5.28 -3.36
CA PHE A 782 11.97 4.30 -4.27
C PHE A 782 12.39 3.08 -3.45
N VAL A 783 13.05 3.31 -2.33
CA VAL A 783 13.48 2.18 -1.52
C VAL A 783 12.30 1.38 -0.97
N HIS A 784 11.28 2.06 -0.49
CA HIS A 784 10.12 1.32 -0.01
C HIS A 784 9.63 0.51 -1.19
N SER A 785 9.64 1.16 -2.35
CA SER A 785 9.17 0.55 -3.58
C SER A 785 9.86 -0.79 -3.80
N GLN A 786 11.15 -0.83 -3.50
CA GLN A 786 11.94 -2.06 -3.60
C GLN A 786 11.46 -3.13 -2.64
N ASP A 787 11.48 -2.86 -1.34
CA ASP A 787 11.00 -3.85 -0.36
C ASP A 787 9.76 -4.56 -0.91
N GLY A 788 8.86 -3.78 -1.48
CA GLY A 788 7.65 -4.36 -2.03
C GLY A 788 7.95 -5.40 -3.07
N SER A 789 8.72 -4.98 -4.07
CA SER A 789 9.05 -5.84 -5.15
C SER A 789 9.98 -7.00 -4.81
N HIS A 790 10.59 -7.02 -3.62
CA HIS A 790 11.45 -8.15 -3.28
C HIS A 790 10.46 -9.17 -2.73
N LEU A 791 9.72 -8.76 -1.71
CA LEU A 791 8.71 -9.61 -1.08
C LEU A 791 7.92 -10.36 -2.16
N ARG A 792 7.10 -9.63 -2.91
CA ARG A 792 6.34 -10.28 -3.94
C ARG A 792 7.16 -11.36 -4.67
N LYS A 793 8.34 -11.00 -5.16
CA LYS A 793 9.16 -11.95 -5.90
C LYS A 793 9.52 -13.20 -5.12
N THR A 794 9.84 -13.00 -3.85
CA THR A 794 10.21 -14.07 -2.98
C THR A 794 9.07 -15.02 -2.73
N VAL A 795 7.88 -14.47 -2.50
CA VAL A 795 6.69 -15.27 -2.26
C VAL A 795 6.34 -16.12 -3.48
N VAL A 796 6.49 -15.57 -4.66
CA VAL A 796 6.16 -16.36 -5.81
C VAL A 796 7.16 -17.47 -5.91
N TRP A 797 8.43 -17.13 -5.73
CA TRP A 797 9.55 -18.07 -5.81
C TRP A 797 9.55 -19.14 -4.73
N ALA A 798 8.97 -18.87 -3.58
CA ALA A 798 8.99 -19.86 -2.54
C ALA A 798 7.76 -20.73 -2.65
N HIS A 799 6.98 -20.51 -3.67
CA HIS A 799 5.72 -21.22 -3.85
C HIS A 799 5.85 -22.12 -5.06
N GLU A 800 6.86 -21.83 -5.88
CA GLU A 800 7.10 -22.63 -7.06
C GLU A 800 8.40 -23.38 -6.73
N LYS A 801 9.53 -22.70 -6.82
CA LYS A 801 10.80 -23.34 -6.51
C LYS A 801 10.72 -24.31 -5.29
N TYR A 802 10.05 -23.93 -4.20
CA TYR A 802 9.99 -24.84 -3.05
C TYR A 802 8.59 -25.15 -2.55
N GLY A 803 7.59 -24.91 -3.41
CA GLY A 803 6.22 -25.18 -3.05
C GLY A 803 5.82 -24.95 -1.61
N ILE A 804 5.75 -23.69 -1.17
CA ILE A 804 5.32 -23.38 0.19
C ILE A 804 3.92 -22.84 -0.04
N GLU A 805 3.02 -23.01 0.92
CA GLU A 805 1.64 -22.60 0.69
C GLU A 805 1.11 -21.51 1.58
N SER A 806 1.54 -21.53 2.83
CA SER A 806 1.09 -20.54 3.80
C SER A 806 2.16 -19.49 4.00
N PHE A 807 1.77 -18.22 3.86
CA PHE A 807 2.67 -17.10 4.07
C PHE A 807 2.15 -16.10 5.09
N ALA A 808 2.99 -15.73 6.03
CA ALA A 808 2.64 -14.74 7.04
C ALA A 808 3.47 -13.50 6.70
N LEU A 809 2.82 -12.33 6.59
CA LEU A 809 3.54 -11.09 6.25
C LEU A 809 3.24 -10.01 7.28
N ILE A 810 4.19 -9.70 8.16
CA ILE A 810 3.97 -8.69 9.19
C ILE A 810 5.00 -7.56 9.10
N HIS A 811 4.56 -6.36 8.76
CA HIS A 811 5.48 -5.23 8.61
C HIS A 811 6.79 -5.64 7.94
N ASP A 812 6.68 -6.20 6.75
CA ASP A 812 7.83 -6.65 5.98
C ASP A 812 8.74 -7.65 6.66
N SER A 813 8.12 -8.68 7.22
CA SER A 813 8.84 -9.77 7.81
C SER A 813 7.84 -10.84 7.44
N PHE A 814 8.33 -11.98 7.00
CA PHE A 814 7.43 -13.02 6.63
C PHE A 814 7.96 -14.33 7.10
N GLY A 815 7.06 -15.27 7.35
CA GLY A 815 7.46 -16.57 7.81
C GLY A 815 6.45 -17.60 7.42
N THR A 816 6.82 -18.86 7.64
CA THR A 816 5.96 -19.95 7.31
C THR A 816 5.92 -20.77 8.56
N ILE A 817 5.46 -22.00 8.39
CA ILE A 817 5.39 -22.97 9.46
C ILE A 817 6.84 -23.45 9.65
N PRO A 818 7.23 -23.80 10.88
CA PRO A 818 8.61 -24.24 11.11
C PRO A 818 9.11 -25.27 10.11
N ALA A 819 8.25 -26.22 9.79
CA ALA A 819 8.60 -27.23 8.81
C ALA A 819 9.32 -26.54 7.65
N ASP A 820 8.67 -25.56 7.05
CA ASP A 820 9.22 -24.82 5.91
C ASP A 820 10.19 -23.67 6.18
N ALA A 821 10.24 -23.22 7.42
CA ALA A 821 11.12 -22.11 7.79
C ALA A 821 12.44 -22.11 7.05
N ALA A 822 13.16 -23.23 7.11
CA ALA A 822 14.46 -23.31 6.45
C ALA A 822 14.46 -22.97 4.96
N ASN A 823 13.42 -23.35 4.23
CA ASN A 823 13.42 -23.05 2.81
C ASN A 823 13.17 -21.57 2.49
N LEU A 824 12.37 -20.87 3.30
CA LEU A 824 12.15 -19.46 2.98
C LEU A 824 13.54 -18.86 2.75
N PHE A 825 14.39 -18.98 3.76
CA PHE A 825 15.76 -18.45 3.67
C PHE A 825 16.38 -18.75 2.31
N LYS A 826 16.42 -20.02 1.94
CA LYS A 826 17.03 -20.34 0.66
C LYS A 826 16.29 -19.56 -0.41
N ALA A 827 14.98 -19.41 -0.24
CA ALA A 827 14.15 -18.70 -1.24
C ALA A 827 14.58 -17.27 -1.31
N VAL A 828 14.70 -16.62 -0.15
CA VAL A 828 15.15 -15.23 -0.08
C VAL A 828 16.51 -15.10 -0.77
N ARG A 829 17.52 -15.75 -0.19
CA ARG A 829 18.88 -15.72 -0.73
C ARG A 829 18.95 -15.91 -2.23
N GLU A 830 18.20 -16.86 -2.78
CA GLU A 830 18.23 -17.10 -4.21
C GLU A 830 17.51 -16.05 -5.09
N THR A 831 16.54 -15.34 -4.52
CA THR A 831 15.83 -14.31 -5.28
C THR A 831 16.75 -13.10 -5.43
N MET A 832 17.39 -12.70 -4.32
CA MET A 832 18.33 -11.58 -4.37
C MET A 832 19.24 -11.87 -5.53
N VAL A 833 19.97 -12.98 -5.40
CA VAL A 833 20.89 -13.39 -6.42
C VAL A 833 20.31 -13.31 -7.82
N ASP A 834 19.18 -13.96 -8.03
CA ASP A 834 18.58 -13.95 -9.34
C ASP A 834 18.33 -12.57 -9.90
N THR A 835 18.05 -11.63 -9.00
CA THR A 835 17.75 -10.28 -9.44
C THR A 835 18.94 -9.52 -10.00
N TYR A 836 19.96 -9.38 -9.16
CA TYR A 836 21.15 -8.62 -9.52
C TYR A 836 22.15 -9.28 -10.42
N GLU A 837 21.88 -10.52 -10.78
CA GLU A 837 22.73 -11.28 -11.66
C GLU A 837 22.12 -11.19 -13.05
N SER A 838 20.80 -11.30 -13.11
CA SER A 838 20.09 -11.24 -14.39
C SER A 838 20.14 -9.92 -15.12
N SER A 839 20.69 -8.89 -14.51
CA SER A 839 20.76 -7.62 -15.18
C SER A 839 21.31 -6.62 -14.21
N ASP A 840 21.54 -5.44 -14.73
CA ASP A 840 22.06 -4.38 -13.90
C ASP A 840 20.89 -3.46 -13.63
N VAL A 841 20.17 -3.69 -12.54
CA VAL A 841 19.02 -2.85 -12.26
C VAL A 841 19.33 -1.38 -12.13
N LEU A 842 20.45 -1.01 -11.54
CA LEU A 842 20.69 0.42 -11.44
C LEU A 842 20.97 1.03 -12.81
N ALA A 843 21.57 0.26 -13.70
CA ALA A 843 21.81 0.77 -15.04
C ALA A 843 20.44 0.97 -15.68
N ASP A 844 19.54 0.01 -15.47
CA ASP A 844 18.20 0.10 -16.02
C ASP A 844 17.48 1.34 -15.47
N PHE A 845 17.52 1.52 -14.15
CA PHE A 845 16.87 2.68 -13.57
C PHE A 845 17.47 3.94 -14.13
N TYR A 846 18.74 3.86 -14.50
CA TYR A 846 19.42 5.00 -15.09
C TYR A 846 18.58 5.35 -16.30
N ASP A 847 18.62 4.51 -17.31
CA ASP A 847 17.84 4.72 -18.53
C ASP A 847 16.40 5.15 -18.23
N GLN A 848 15.78 4.45 -17.28
CA GLN A 848 14.41 4.74 -16.91
C GLN A 848 14.17 6.20 -16.54
N PHE A 849 15.10 6.78 -15.81
CA PHE A 849 14.99 8.16 -15.39
C PHE A 849 15.41 9.07 -16.54
N ALA A 850 16.56 8.75 -17.13
CA ALA A 850 17.11 9.52 -18.24
C ALA A 850 16.03 9.78 -19.25
N ASP A 851 15.14 8.80 -19.43
CA ASP A 851 14.04 8.86 -20.39
C ASP A 851 12.98 9.92 -20.13
N GLN A 852 13.01 10.46 -18.93
CA GLN A 852 12.02 11.44 -18.53
C GLN A 852 12.58 12.85 -18.44
N LEU A 853 13.69 13.12 -19.10
CA LEU A 853 14.31 14.44 -19.02
C LEU A 853 14.13 15.32 -20.28
N HIS A 854 14.92 16.39 -20.40
CA HIS A 854 14.83 17.30 -21.56
C HIS A 854 15.94 16.99 -22.57
N GLU A 855 15.56 16.83 -23.84
CA GLU A 855 16.46 16.37 -24.91
C GLU A 855 17.86 16.01 -24.47
N SER A 856 18.71 17.00 -24.26
CA SER A 856 20.01 16.66 -23.74
C SER A 856 20.27 17.67 -22.64
N GLN A 857 19.67 18.85 -22.78
CA GLN A 857 19.85 19.92 -21.82
C GLN A 857 20.03 19.35 -20.46
N LEU A 858 19.01 18.61 -20.06
CA LEU A 858 18.94 18.03 -18.75
C LEU A 858 19.71 16.73 -18.62
N ASP A 859 20.23 16.17 -19.73
CA ASP A 859 21.00 14.92 -19.69
C ASP A 859 22.35 15.20 -19.04
N LYS A 860 22.29 15.62 -17.78
CA LYS A 860 23.44 15.97 -16.95
C LYS A 860 23.35 14.95 -15.81
N MET A 861 22.99 13.72 -16.16
CA MET A 861 22.81 12.63 -15.23
C MET A 861 24.07 12.22 -14.48
N PRO A 862 23.93 11.89 -13.18
CA PRO A 862 25.05 11.47 -12.33
C PRO A 862 25.61 10.14 -12.79
N ALA A 863 26.92 9.98 -12.73
CA ALA A 863 27.50 8.73 -13.16
C ALA A 863 27.09 7.62 -12.19
N LEU A 864 26.77 6.44 -12.74
CA LEU A 864 26.38 5.31 -11.90
C LEU A 864 27.57 4.98 -11.03
N PRO A 865 27.32 4.68 -9.75
CA PRO A 865 28.45 4.35 -8.88
C PRO A 865 29.19 3.14 -9.47
N ALA A 866 30.48 3.05 -9.18
CA ALA A 866 31.29 1.94 -9.65
C ALA A 866 30.96 0.71 -8.83
N LYS A 867 30.89 -0.44 -9.50
CA LYS A 867 30.59 -1.68 -8.80
C LYS A 867 31.84 -2.08 -8.05
N GLY A 868 31.69 -2.90 -7.01
CA GLY A 868 32.85 -3.32 -6.25
C GLY A 868 33.12 -4.75 -6.60
N ASN A 869 33.76 -5.47 -5.70
CA ASN A 869 34.04 -6.87 -5.92
C ASN A 869 33.31 -7.66 -4.86
N LEU A 870 32.28 -8.40 -5.26
CA LEU A 870 31.57 -9.21 -4.29
C LEU A 870 31.74 -10.62 -4.72
N ASN A 871 32.07 -11.46 -3.75
CA ASN A 871 32.25 -12.85 -4.08
C ASN A 871 31.08 -13.23 -4.98
N LEU A 872 31.39 -14.02 -5.98
CA LEU A 872 30.45 -14.57 -6.94
C LEU A 872 29.05 -14.58 -6.28
N ARG A 873 28.16 -13.68 -6.69
CA ARG A 873 26.80 -13.63 -6.12
C ARG A 873 26.35 -14.93 -5.46
N ASP A 874 26.68 -16.05 -6.11
CA ASP A 874 26.33 -17.36 -5.61
C ASP A 874 27.03 -17.59 -4.28
N ILE A 875 27.86 -16.65 -3.91
CA ILE A 875 28.62 -16.71 -2.68
C ILE A 875 27.66 -16.21 -1.61
N LEU A 876 26.62 -15.54 -2.07
CA LEU A 876 25.58 -14.95 -1.23
C LEU A 876 24.79 -15.99 -0.46
N GLU A 877 24.66 -17.16 -1.06
CA GLU A 877 23.93 -18.26 -0.46
C GLU A 877 24.87 -19.24 0.22
N SER A 878 24.37 -19.95 1.21
CA SER A 878 25.19 -20.92 1.91
C SER A 878 25.87 -21.83 0.89
N ASP A 879 25.34 -21.79 -0.33
CA ASP A 879 25.82 -22.57 -1.50
C ASP A 879 24.96 -23.81 -1.74
N ARG B 3 10.02 0.56 -20.01
CA ARG B 3 10.16 -0.65 -19.14
C ARG B 3 8.80 -1.17 -18.68
N VAL B 4 7.84 -0.26 -18.59
CA VAL B 4 6.48 -0.62 -18.22
C VAL B 4 5.90 -1.30 -19.46
N GLN B 5 5.19 -2.40 -19.26
CA GLN B 5 4.60 -3.18 -20.35
C GLN B 5 3.08 -3.04 -20.37
N PHE B 6 2.48 -2.96 -21.55
CA PHE B 6 1.01 -2.90 -21.65
C PHE B 6 0.45 -4.18 -22.29
N LYS B 7 -0.81 -4.51 -22.03
CA LYS B 7 -1.47 -5.69 -22.62
C LYS B 7 -1.35 -5.74 -24.14
N GLN B 8 -1.73 -6.86 -24.73
CA GLN B 8 -1.66 -6.98 -26.18
C GLN B 8 -3.01 -6.89 -26.81
N ARG B 9 -3.06 -6.23 -27.96
CA ARG B 9 -4.32 -6.09 -28.67
C ARG B 9 -4.65 -7.46 -29.20
N GLU B 10 -5.86 -7.93 -28.95
CA GLU B 10 -6.22 -9.23 -29.48
C GLU B 10 -6.30 -9.22 -31.00
N SER B 11 -6.03 -8.07 -31.62
CA SER B 11 -6.09 -7.95 -33.07
C SER B 11 -5.81 -6.51 -33.56
N THR B 12 -5.35 -6.39 -34.79
CA THR B 12 -5.03 -5.11 -35.38
C THR B 12 -5.85 -4.97 -36.65
N ASP B 13 -6.86 -4.08 -36.60
CA ASP B 13 -7.76 -3.86 -37.72
C ASP B 13 -7.63 -2.54 -38.48
N ALA B 14 -7.00 -1.56 -37.85
CA ALA B 14 -6.81 -0.23 -38.45
C ALA B 14 -5.40 0.28 -38.16
N ILE B 15 -4.99 1.33 -38.87
CA ILE B 15 -3.67 1.95 -38.72
C ILE B 15 -3.94 3.42 -38.91
N PHE B 16 -3.99 4.20 -37.82
CA PHE B 16 -4.30 5.62 -37.88
C PHE B 16 -3.11 6.56 -37.96
N VAL B 17 -3.32 7.68 -38.65
CA VAL B 17 -2.28 8.72 -38.80
C VAL B 17 -2.84 9.97 -38.13
N HIS B 18 -2.17 10.47 -37.08
CA HIS B 18 -2.62 11.68 -36.37
C HIS B 18 -1.48 12.72 -36.62
N CYS B 19 -1.47 13.84 -35.89
CA CYS B 19 -0.45 14.88 -36.13
C CYS B 19 -0.35 15.93 -35.00
N SER B 20 0.80 15.97 -34.35
CA SER B 20 0.98 16.95 -33.31
C SER B 20 0.52 18.31 -33.88
N ALA B 21 0.30 19.27 -32.99
CA ALA B 21 -0.10 20.60 -33.41
C ALA B 21 1.15 21.47 -33.30
N THR B 22 2.29 20.92 -33.69
CA THR B 22 3.54 21.67 -33.60
C THR B 22 3.88 22.37 -34.92
N LYS B 23 4.64 23.45 -34.81
CA LYS B 23 5.05 24.26 -35.95
C LYS B 23 6.37 23.73 -36.55
N PRO B 24 6.69 24.13 -37.78
CA PRO B 24 7.90 23.75 -38.53
C PRO B 24 9.24 24.06 -37.87
N SER B 25 9.21 24.81 -36.76
CA SER B 25 10.43 25.19 -36.05
C SER B 25 10.71 24.27 -34.87
N GLN B 26 9.75 23.40 -34.55
CA GLN B 26 9.90 22.46 -33.44
C GLN B 26 10.33 21.07 -33.91
N ASN B 27 11.59 20.72 -33.66
CA ASN B 27 12.08 19.40 -34.06
C ASN B 27 11.87 18.45 -32.87
N VAL B 28 10.61 18.27 -32.50
CA VAL B 28 10.23 17.38 -31.39
C VAL B 28 10.23 15.90 -31.81
N GLY B 29 10.19 15.05 -30.81
CA GLY B 29 10.20 13.62 -31.07
C GLY B 29 9.48 12.86 -29.98
N VAL B 30 9.84 11.59 -29.86
CA VAL B 30 9.20 10.75 -28.88
C VAL B 30 9.47 11.32 -27.50
N ARG B 31 10.73 11.71 -27.24
CA ARG B 31 11.10 12.28 -25.94
C ARG B 31 10.11 13.36 -25.55
N GLU B 32 10.06 14.41 -26.35
CA GLU B 32 9.17 15.53 -26.13
C GLU B 32 7.66 15.14 -26.09
N ILE B 33 7.23 14.35 -27.08
CA ILE B 33 5.84 13.89 -27.18
C ILE B 33 5.45 13.09 -25.95
N ARG B 34 6.42 12.45 -25.33
CA ARG B 34 6.13 11.66 -24.14
C ARG B 34 5.94 12.59 -22.94
N GLN B 35 6.72 13.67 -22.92
CA GLN B 35 6.61 14.62 -21.83
C GLN B 35 5.16 15.13 -21.79
N TRP B 36 4.68 15.61 -22.94
CA TRP B 36 3.30 16.10 -23.05
C TRP B 36 2.45 15.08 -22.30
N HIS B 37 2.38 13.89 -22.88
CA HIS B 37 1.61 12.75 -22.33
C HIS B 37 1.80 12.49 -20.83
N LYS B 38 3.03 12.50 -20.33
CA LYS B 38 3.21 12.29 -18.91
C LYS B 38 2.32 13.36 -18.24
N GLU B 39 2.40 14.58 -18.74
CA GLU B 39 1.57 15.66 -18.24
C GLU B 39 0.09 15.38 -18.52
N GLN B 40 -0.20 14.68 -19.62
CA GLN B 40 -1.58 14.32 -19.99
C GLN B 40 -1.96 13.15 -19.03
N GLY B 41 -1.04 12.81 -18.11
CA GLY B 41 -1.20 11.75 -17.09
C GLY B 41 -0.96 10.26 -17.46
N TRP B 42 -0.01 9.97 -18.36
CA TRP B 42 0.18 8.60 -18.80
C TRP B 42 1.57 7.97 -18.59
N LEU B 43 1.58 6.70 -18.20
CA LEU B 43 2.80 5.92 -17.96
C LEU B 43 3.75 5.85 -19.15
N ASP B 44 3.24 6.16 -20.35
CA ASP B 44 4.06 6.16 -21.57
C ASP B 44 3.39 6.80 -22.80
N VAL B 45 4.18 7.16 -23.81
CA VAL B 45 3.60 7.77 -24.99
C VAL B 45 2.48 6.90 -25.54
N GLY B 46 1.45 7.53 -26.10
CA GLY B 46 0.28 6.82 -26.59
C GLY B 46 0.35 6.35 -28.03
N TYR B 47 1.44 6.67 -28.70
CA TYR B 47 1.60 6.27 -30.09
C TYR B 47 2.60 5.11 -30.21
N HIS B 48 2.60 4.44 -31.37
CA HIS B 48 3.51 3.34 -31.61
C HIS B 48 4.75 3.79 -32.34
N PHE B 49 4.57 4.59 -33.38
CA PHE B 49 5.69 5.13 -34.11
C PHE B 49 5.43 6.61 -34.17
N ILE B 50 6.47 7.41 -34.42
CA ILE B 50 6.31 8.86 -34.57
C ILE B 50 7.41 9.21 -35.56
N ILE B 51 7.09 10.09 -36.51
CA ILE B 51 8.04 10.48 -37.58
C ILE B 51 8.57 11.90 -37.48
N LYS B 52 9.84 12.05 -37.09
CA LYS B 52 10.45 13.38 -36.94
C LYS B 52 10.56 14.17 -38.24
N ARG B 53 10.48 15.51 -38.13
CA ARG B 53 10.56 16.42 -39.29
C ARG B 53 11.73 15.96 -40.15
N ASP B 54 12.72 15.40 -39.45
CA ASP B 54 13.94 14.85 -39.99
C ASP B 54 13.61 13.82 -41.09
N GLY B 55 13.05 12.70 -40.65
CA GLY B 55 12.68 11.61 -41.55
C GLY B 55 12.70 10.36 -40.69
N THR B 56 13.39 10.50 -39.57
CA THR B 56 13.58 9.47 -38.59
C THR B 56 12.28 8.92 -37.99
N VAL B 57 12.15 7.58 -38.03
CA VAL B 57 10.98 6.92 -37.46
C VAL B 57 11.36 6.38 -36.07
N GLU B 58 10.93 7.09 -35.04
CA GLU B 58 11.22 6.68 -33.68
C GLU B 58 10.12 5.75 -33.17
N ALA B 59 10.52 4.60 -32.65
CA ALA B 59 9.56 3.64 -32.13
C ALA B 59 9.03 4.04 -30.76
N GLY B 60 7.71 4.02 -30.60
CA GLY B 60 7.06 4.36 -29.33
C GLY B 60 6.69 3.10 -28.55
N ARG B 61 5.42 2.95 -28.17
CA ARG B 61 5.02 1.74 -27.45
C ARG B 61 5.24 0.54 -28.34
N ASP B 62 5.29 -0.63 -27.72
CA ASP B 62 5.53 -1.85 -28.47
C ASP B 62 4.49 -1.99 -29.57
N GLU B 63 4.93 -2.33 -30.80
CA GLU B 63 4.02 -2.50 -31.92
C GLU B 63 2.68 -3.14 -31.62
N MET B 64 2.70 -4.25 -30.88
CA MET B 64 1.51 -5.00 -30.53
C MET B 64 0.93 -4.68 -29.19
N ALA B 65 0.77 -3.41 -28.87
CA ALA B 65 0.21 -3.06 -27.58
C ALA B 65 -0.90 -2.01 -27.54
N VAL B 66 -1.89 -2.31 -26.73
CA VAL B 66 -3.00 -1.41 -26.54
C VAL B 66 -2.39 -0.03 -26.32
N GLY B 67 -2.68 0.91 -27.20
CA GLY B 67 -2.09 2.24 -27.03
C GLY B 67 -3.09 3.24 -26.50
N SER B 68 -2.74 4.51 -26.63
CA SER B 68 -3.64 5.60 -26.23
C SER B 68 -3.44 6.64 -27.32
N HIS B 69 -4.17 6.44 -28.42
CA HIS B 69 -4.03 7.33 -29.55
C HIS B 69 -5.39 7.71 -30.17
N ALA B 70 -6.15 6.73 -30.66
CA ALA B 70 -7.47 6.96 -31.28
C ALA B 70 -8.46 6.29 -30.36
N LYS B 71 -9.30 7.07 -29.70
CA LYS B 71 -10.20 6.49 -28.71
C LYS B 71 -11.46 5.76 -29.07
N GLY B 72 -11.61 4.61 -28.43
CA GLY B 72 -12.73 3.73 -28.70
C GLY B 72 -12.20 2.84 -29.81
N TYR B 73 -10.90 2.99 -30.05
CA TYR B 73 -10.17 2.28 -31.09
C TYR B 73 -8.80 1.80 -30.63
N ASN B 74 -8.38 2.23 -29.46
CA ASN B 74 -7.06 1.89 -28.94
C ASN B 74 -6.82 0.41 -28.78
N HIS B 75 -7.88 -0.31 -28.47
CA HIS B 75 -7.82 -1.74 -28.25
C HIS B 75 -7.49 -2.53 -29.51
N ASN B 76 -7.46 -1.87 -30.67
CA ASN B 76 -7.15 -2.62 -31.88
C ASN B 76 -6.65 -1.87 -33.10
N SER B 77 -5.50 -1.20 -32.98
CA SER B 77 -4.93 -0.46 -34.07
C SER B 77 -3.61 0.18 -33.70
N ILE B 78 -2.84 0.54 -34.72
CA ILE B 78 -1.54 1.19 -34.56
C ILE B 78 -1.66 2.69 -34.88
N GLY B 79 -1.15 3.54 -34.00
CA GLY B 79 -1.23 4.97 -34.27
C GLY B 79 0.11 5.53 -34.67
N VAL B 80 0.13 6.42 -35.65
CA VAL B 80 1.37 7.05 -36.12
C VAL B 80 1.21 8.57 -36.05
N CYS B 81 2.04 9.25 -35.26
CA CYS B 81 1.96 10.72 -35.14
C CYS B 81 3.07 11.31 -36.04
N LEU B 82 2.67 12.23 -36.93
CA LEU B 82 3.60 12.93 -37.86
C LEU B 82 4.02 14.24 -37.21
N VAL B 83 5.32 14.44 -36.99
CA VAL B 83 5.73 15.68 -36.34
C VAL B 83 5.39 16.83 -37.27
N GLY B 84 4.64 17.81 -36.77
CA GLY B 84 4.24 18.94 -37.59
C GLY B 84 2.77 18.85 -37.97
N GLY B 85 2.19 19.93 -38.48
CA GLY B 85 0.77 19.91 -38.85
C GLY B 85 -0.02 21.15 -38.44
N ILE B 86 0.70 22.18 -38.03
CA ILE B 86 0.11 23.44 -37.61
C ILE B 86 0.98 24.62 -38.11
N ASP B 87 0.32 25.60 -38.73
CA ASP B 87 0.96 26.79 -39.31
C ASP B 87 1.55 27.73 -38.24
N ASP B 88 2.53 28.54 -38.65
CA ASP B 88 3.18 29.47 -37.73
C ASP B 88 2.09 30.39 -37.16
N LYS B 89 1.40 29.92 -36.13
CA LYS B 89 0.31 30.66 -35.50
C LYS B 89 -0.89 30.71 -36.45
N GLY B 90 -1.74 29.70 -36.38
CA GLY B 90 -2.92 29.62 -37.23
C GLY B 90 -3.57 28.26 -37.06
N LYS B 91 -3.90 27.60 -38.17
CA LYS B 91 -4.54 26.27 -38.09
C LYS B 91 -3.86 25.18 -38.91
N PHE B 92 -4.53 24.05 -39.06
CA PHE B 92 -3.96 22.92 -39.79
C PHE B 92 -3.35 23.29 -41.13
N ASP B 93 -2.14 22.77 -41.37
CA ASP B 93 -1.38 23.01 -42.60
C ASP B 93 -0.42 21.84 -42.93
N ALA B 94 -0.81 21.04 -43.92
CA ALA B 94 -0.04 19.88 -44.37
C ALA B 94 1.38 20.26 -44.77
N ASN B 95 2.19 20.70 -43.82
CA ASN B 95 3.55 21.12 -44.14
C ASN B 95 4.63 20.08 -43.91
N PHE B 96 4.22 18.82 -43.86
CA PHE B 96 5.15 17.72 -43.63
C PHE B 96 6.21 17.68 -44.72
N THR B 97 7.42 17.28 -44.34
CA THR B 97 8.55 17.20 -45.26
C THR B 97 8.40 16.04 -46.25
N PRO B 98 8.90 16.21 -47.48
CA PRO B 98 8.80 15.14 -48.47
C PRO B 98 9.62 13.94 -48.01
N ALA B 99 10.66 14.20 -47.23
CA ALA B 99 11.52 13.14 -46.70
C ALA B 99 10.76 12.44 -45.58
N GLN B 100 9.82 13.15 -45.01
CA GLN B 100 9.03 12.63 -43.91
C GLN B 100 7.83 11.90 -44.48
N MET B 101 7.52 12.14 -45.75
CA MET B 101 6.38 11.45 -46.32
C MET B 101 6.76 10.10 -46.91
N GLN B 102 8.02 9.96 -47.33
CA GLN B 102 8.53 8.71 -47.89
C GLN B 102 8.65 7.73 -46.73
N SER B 103 9.00 8.25 -45.57
CA SER B 103 9.14 7.43 -44.39
C SER B 103 7.81 6.82 -44.07
N LEU B 104 6.79 7.66 -44.06
CA LEU B 104 5.46 7.17 -43.78
C LEU B 104 5.01 6.16 -44.85
N ARG B 105 5.42 6.36 -46.10
CA ARG B 105 5.07 5.49 -47.22
C ARG B 105 5.56 4.03 -47.00
N SER B 106 6.87 3.85 -46.83
CA SER B 106 7.43 2.53 -46.62
C SER B 106 6.88 1.88 -45.34
N LEU B 107 6.80 2.63 -44.24
CA LEU B 107 6.25 2.09 -42.99
C LEU B 107 4.86 1.52 -43.29
N LEU B 108 3.99 2.36 -43.84
CA LEU B 108 2.64 1.94 -44.19
C LEU B 108 2.54 0.65 -45.03
N VAL B 109 3.34 0.54 -46.08
CA VAL B 109 3.27 -0.67 -46.89
C VAL B 109 3.57 -1.85 -45.96
N THR B 110 4.72 -1.80 -45.28
CA THR B 110 5.11 -2.83 -44.31
C THR B 110 3.96 -3.24 -43.38
N LEU B 111 3.46 -2.30 -42.60
CA LEU B 111 2.37 -2.59 -41.69
C LEU B 111 1.14 -3.22 -42.37
N LEU B 112 0.68 -2.65 -43.48
CA LEU B 112 -0.49 -3.19 -44.19
C LEU B 112 -0.29 -4.57 -44.77
N ALA B 113 0.99 -4.95 -44.93
CA ALA B 113 1.36 -6.27 -45.46
C ALA B 113 1.42 -7.29 -44.33
N LYS B 114 1.97 -6.84 -43.20
CA LYS B 114 2.12 -7.66 -42.00
C LYS B 114 0.84 -7.78 -41.16
N TYR B 115 -0.25 -7.17 -41.59
CA TYR B 115 -1.50 -7.31 -40.85
C TYR B 115 -2.67 -7.48 -41.80
N GLU B 116 -2.54 -8.42 -42.73
CA GLU B 116 -3.58 -8.71 -43.72
C GLU B 116 -5.00 -8.39 -43.27
N GLY B 117 -5.61 -7.42 -43.95
CA GLY B 117 -6.96 -7.03 -43.61
C GLY B 117 -6.97 -5.66 -42.97
N ALA B 118 -5.87 -5.34 -42.32
CA ALA B 118 -5.72 -4.07 -41.65
C ALA B 118 -6.03 -2.94 -42.62
N VAL B 119 -6.74 -1.93 -42.13
CA VAL B 119 -7.12 -0.79 -42.95
C VAL B 119 -6.46 0.53 -42.54
N LEU B 120 -6.06 1.32 -43.54
CA LEU B 120 -5.43 2.63 -43.33
C LEU B 120 -6.52 3.70 -43.10
N ARG B 121 -6.45 4.44 -41.98
CA ARG B 121 -7.44 5.46 -41.62
C ARG B 121 -6.83 6.80 -41.23
N ALA B 122 -7.68 7.73 -40.75
CA ALA B 122 -7.22 9.06 -40.32
C ALA B 122 -8.09 9.51 -39.16
N HIS B 123 -7.50 10.14 -38.15
CA HIS B 123 -8.30 10.56 -37.01
C HIS B 123 -9.42 11.55 -37.34
N HIS B 124 -9.19 12.46 -38.28
CA HIS B 124 -10.24 13.40 -38.65
C HIS B 124 -11.27 12.67 -39.51
N GLU B 125 -11.39 11.36 -39.29
CA GLU B 125 -12.32 10.52 -40.04
C GLU B 125 -13.29 9.87 -39.05
N VAL B 126 -13.06 10.14 -37.77
CA VAL B 126 -13.86 9.59 -36.69
C VAL B 126 -13.79 10.56 -35.53
N ALA B 127 -13.24 11.74 -35.78
CA ALA B 127 -13.10 12.74 -34.73
C ALA B 127 -13.31 14.18 -35.22
N PRO B 128 -13.98 15.02 -34.41
CA PRO B 128 -14.23 16.41 -34.75
C PRO B 128 -12.95 17.25 -34.82
N LYS B 129 -11.80 16.59 -34.84
CA LYS B 129 -10.50 17.28 -34.90
C LYS B 129 -9.85 17.24 -36.29
N ALA B 130 -8.77 18.01 -36.46
CA ALA B 130 -8.07 18.10 -37.74
C ALA B 130 -6.75 17.34 -37.82
N CYS B 131 -6.77 16.08 -37.43
CA CYS B 131 -5.58 15.22 -37.53
C CYS B 131 -5.92 14.22 -38.62
N PRO B 132 -4.94 13.88 -39.46
CA PRO B 132 -3.55 14.33 -39.48
C PRO B 132 -3.35 15.75 -40.05
N SER B 133 -4.51 16.36 -40.34
CA SER B 133 -4.71 17.70 -40.90
C SER B 133 -4.72 17.70 -42.45
N PHE B 134 -4.43 16.57 -43.08
CA PHE B 134 -4.41 16.52 -44.54
C PHE B 134 -5.23 15.39 -45.13
N ASP B 135 -5.61 15.55 -46.39
CA ASP B 135 -6.40 14.53 -47.07
C ASP B 135 -5.46 13.37 -47.29
N LEU B 136 -5.70 12.27 -46.57
CA LEU B 136 -4.86 11.09 -46.68
C LEU B 136 -5.05 10.32 -48.00
N LYS B 137 -6.25 9.78 -48.21
CA LYS B 137 -6.55 9.00 -49.40
C LYS B 137 -6.06 9.61 -50.69
N ARG B 138 -5.84 10.92 -50.69
CA ARG B 138 -5.37 11.57 -51.90
C ARG B 138 -3.87 11.39 -51.92
N TRP B 139 -3.24 11.63 -50.78
CA TRP B 139 -1.81 11.48 -50.67
C TRP B 139 -1.39 10.04 -50.90
N TRP B 140 -2.22 9.13 -50.44
CA TRP B 140 -1.93 7.73 -50.57
C TRP B 140 -2.02 7.30 -52.01
N GLU B 141 -3.17 7.53 -52.63
CA GLU B 141 -3.43 7.11 -53.99
C GLU B 141 -2.72 7.91 -55.07
N LYS B 142 -2.34 9.14 -54.74
CA LYS B 142 -1.63 10.06 -55.62
C LYS B 142 -0.56 10.66 -54.71
N ASN B 143 0.67 10.83 -55.18
CA ASN B 143 1.67 11.34 -54.26
C ASN B 143 1.40 12.80 -53.94
N GLU B 144 0.17 13.24 -54.26
CA GLU B 144 -0.29 14.62 -54.02
C GLU B 144 -0.69 14.90 -52.58
N LEU B 145 0.08 15.75 -51.93
CA LEU B 145 -0.14 16.14 -50.54
C LEU B 145 -0.86 17.48 -50.41
N VAL B 146 -2.13 17.45 -50.04
CA VAL B 146 -2.91 18.69 -49.92
C VAL B 146 -3.47 18.94 -48.53
N THR B 147 -3.47 20.20 -48.07
CA THR B 147 -4.04 20.53 -46.75
C THR B 147 -5.55 20.28 -46.79
N SER B 148 -6.14 19.84 -45.68
CA SER B 148 -7.57 19.55 -45.65
C SER B 148 -8.00 18.89 -44.35
N ASP B 149 -9.27 18.57 -44.23
CA ASP B 149 -9.78 17.89 -43.04
C ASP B 149 -10.73 16.79 -43.49
N ARG B 150 -10.55 16.38 -44.74
CA ARG B 150 -11.32 15.31 -45.34
C ARG B 150 -10.31 14.41 -46.02
N GLY B 151 -10.62 13.12 -46.13
CA GLY B 151 -9.71 12.19 -46.75
C GLY B 151 -8.95 11.45 -45.67
#